data_7K8D
#
_entry.id   7K8D
#
_cell.length_a   1.00
_cell.length_b   1.00
_cell.length_c   1.00
_cell.angle_alpha   90.00
_cell.angle_beta   90.00
_cell.angle_gamma   90.00
#
_symmetry.space_group_name_H-M   'P 1'
#
_entity_poly.entity_id   1
_entity_poly.type   'polypeptide(L)'
_entity_poly.pdbx_seq_one_letter_code
;MFAWWGRTVYQFRYIVIGVMVALCLGGGVYGISLGNHVTQSGFYDEGSQSVAASLIGDEVYGRDRTSHVVAILTPPDDKK
VTDKAWQKKVTEELDQVVKDHEDQIVGWVGWLKAPDTTDPTVSAMKTQDLRHTFISIPLQGDDDDEILKNYQVVEPELQQ
VNGGDIRLAGLNPLASELTGTIGEDQKRAEVAAIPLVAVVLFFVFGTVIAAALPAIIGGLAIAGALGIMRLVAEFTPVHF
FAQPVVTLIGLGIAIDYGLFIVSRFREEIAEGYDTEAAVRRTVMTSGRTVVFSAVIIVASSVPLLLFPQGFLKSITYAII
ASVMLAAILSITVLAAALAILGPRVDALGVTTLLKIPFLANWQFSRRIIDWFAEKTQKTKTREEVERGFWGRLVNVVMKR
PIAFAAPILVVMVLLIIPLGQLSLGGISEKYLPPDNAVRQSQEQFDKLFPGFRTEPLTLVMKREDGEPITDAQIADMRAK
ALTVSGFTDPDNDPEKMWKERPANDSGSKDPSVRVIQNGLENRNDAAKKIDELRALQPPHGIEVFVGGTPALEQDSIHSL
FDKLPLMALILIVTTTVLMFLAFGSVVLPIKAALMSALTLGSTMGILTWMFVDGHGSGLMNYTPQPLMAPMIGLIIAVIW
GLSTDYEVFLVSRMVEARERGMSTAEAIRIGTATTGRLITGAALILAVVAGAFVFSDLVMMKYLAFGLLIALLLDATIIR
MFLVPAVMKLLGDDCWWAPRWMKRVQEKLGLGETELPDERKRPTVRESETDQRALVGVGAPPPPPRPHDPTHPAPEPVRP
MPPMRSNAPSAAGTARISTPPQPPQPPQAPAQQAGDEPATTRFAMARNAVRNAVNSAVHGGAGSAAAPTERAPRPGGPAQ
PPAPPQREEREIESWLGALRGPAPAKNVPQPPAQPQRPSTDTTRAMPPQGRPPAGPADRGNENAPTTAFSAQRPPNGGAP
ADATTAIPTPPQREQEPSTEKLNTREDAPEDPETKRRGGGMSAQDLLRREGRL
;
_entity_poly.pdbx_strand_id   A
#
# COMPACT_ATOMS: atom_id res chain seq x y z
N MET A 1 18.90 32.88 10.41
CA MET A 1 19.08 31.52 9.91
C MET A 1 19.09 30.51 11.06
N PHE A 2 20.02 29.55 11.05
CA PHE A 2 20.09 28.60 12.16
C PHE A 2 20.61 29.26 13.43
N ALA A 3 21.57 30.18 13.31
CA ALA A 3 22.02 30.96 14.47
C ALA A 3 20.87 31.73 15.10
N TRP A 4 20.03 32.34 14.25
CA TRP A 4 18.87 33.08 14.76
C TRP A 4 17.95 32.16 15.53
N TRP A 5 17.54 31.02 14.94
CA TRP A 5 16.68 30.12 15.70
C TRP A 5 17.40 29.59 16.94
N GLY A 6 18.73 29.55 16.88
CA GLY A 6 19.53 29.08 18.01
C GLY A 6 19.34 29.96 19.21
N ARG A 7 19.35 31.28 18.99
CA ARG A 7 19.18 32.23 20.09
C ARG A 7 17.70 32.46 20.41
N THR A 8 16.84 32.32 19.41
CA THR A 8 15.40 32.49 19.58
C THR A 8 14.78 31.38 20.43
N VAL A 9 15.27 30.14 20.30
CA VAL A 9 14.75 29.05 21.12
C VAL A 9 15.02 29.27 22.60
N TYR A 10 16.03 30.07 22.95
CA TYR A 10 16.22 30.36 24.37
C TYR A 10 15.30 31.49 24.80
N GLN A 11 15.05 32.43 23.89
CA GLN A 11 14.18 33.57 24.15
C GLN A 11 12.70 33.21 24.11
N PHE A 12 12.34 32.20 23.31
CA PHE A 12 10.97 31.72 23.21
C PHE A 12 10.79 30.32 23.80
N ARG A 13 11.57 29.98 24.81
CA ARG A 13 11.55 28.63 25.37
C ARG A 13 10.21 28.30 26.02
N TYR A 14 9.55 29.30 26.62
CA TYR A 14 8.33 29.07 27.38
C TYR A 14 7.12 28.81 26.48
N ILE A 15 7.03 29.54 25.37
CA ILE A 15 5.86 29.38 24.52
C ILE A 15 5.96 28.16 23.64
N VAL A 16 7.16 27.77 23.18
CA VAL A 16 7.22 26.57 22.38
C VAL A 16 6.84 25.35 23.23
N ILE A 17 7.08 25.44 24.54
CA ILE A 17 6.72 24.38 25.47
C ILE A 17 5.22 24.38 25.71
N GLY A 18 4.64 25.57 25.90
CA GLY A 18 3.23 25.65 26.19
C GLY A 18 2.40 25.26 24.96
N VAL A 19 2.85 25.68 23.78
CA VAL A 19 2.12 25.36 22.56
C VAL A 19 2.24 23.88 22.26
N MET A 20 3.48 23.36 22.14
CA MET A 20 3.65 21.98 21.74
C MET A 20 3.03 21.02 22.74
N VAL A 21 2.98 21.36 24.03
CA VAL A 21 2.32 20.40 24.92
C VAL A 21 0.81 20.49 24.74
N ALA A 22 0.29 21.70 24.55
CA ALA A 22 -1.15 21.89 24.30
C ALA A 22 -1.57 21.23 22.99
N LEU A 23 -0.72 21.36 21.98
CA LEU A 23 -0.97 20.78 20.66
C LEU A 23 -1.09 19.26 20.69
N CYS A 24 -0.18 18.56 21.38
CA CYS A 24 -0.28 17.10 21.36
C CYS A 24 -1.57 16.61 22.00
N LEU A 25 -1.99 17.21 23.12
CA LEU A 25 -3.27 16.76 23.69
C LEU A 25 -4.43 17.20 22.79
N GLY A 26 -4.36 18.43 22.29
CA GLY A 26 -5.37 18.90 21.36
C GLY A 26 -5.41 18.07 20.10
N GLY A 27 -4.24 17.82 19.51
CA GLY A 27 -4.21 16.99 18.33
C GLY A 27 -4.64 15.57 18.60
N GLY A 28 -4.49 15.13 19.84
CA GLY A 28 -4.95 13.80 20.19
C GLY A 28 -6.46 13.70 20.18
N VAL A 29 -7.12 14.59 20.93
CA VAL A 29 -8.59 14.56 20.92
C VAL A 29 -9.19 14.90 19.55
N TYR A 30 -8.69 15.93 18.85
CA TYR A 30 -9.24 16.16 17.52
C TYR A 30 -8.87 15.08 16.51
N GLY A 31 -7.74 14.39 16.71
CA GLY A 31 -7.36 13.35 15.79
C GLY A 31 -7.96 11.97 16.01
N ILE A 32 -7.89 11.46 17.23
CA ILE A 32 -8.51 10.17 17.53
C ILE A 32 -10.00 10.20 17.20
N SER A 33 -10.63 11.37 17.38
CA SER A 33 -12.05 11.49 17.08
C SER A 33 -12.31 11.68 15.59
N LEU A 34 -11.68 12.67 14.98
CA LEU A 34 -12.18 13.15 13.69
C LEU A 34 -11.04 13.38 12.72
N GLY A 35 -11.40 13.44 11.44
CA GLY A 35 -10.59 13.79 10.29
C GLY A 35 -10.58 12.74 9.20
N ASN A 36 -10.88 11.48 9.52
CA ASN A 36 -10.92 10.38 8.58
C ASN A 36 -12.38 10.28 8.14
N HIS A 37 -12.71 10.92 7.02
CA HIS A 37 -14.09 10.99 6.54
C HIS A 37 -14.18 10.73 5.04
N VAL A 38 -13.51 9.68 4.56
CA VAL A 38 -13.54 9.40 3.14
C VAL A 38 -14.13 8.02 2.89
N THR A 39 -14.85 7.91 1.78
CA THR A 39 -15.50 6.67 1.38
C THR A 39 -14.48 5.66 0.88
N GLN A 40 -14.91 4.41 0.77
CA GLN A 40 -14.03 3.32 0.35
C GLN A 40 -14.40 2.81 -1.03
N SER A 41 -15.54 3.27 -1.57
CA SER A 41 -16.00 2.90 -2.89
C SER A 41 -15.60 4.00 -3.85
N GLY A 42 -14.53 3.79 -4.60
CA GLY A 42 -14.11 4.84 -5.51
C GLY A 42 -12.62 5.10 -5.59
N PHE A 43 -11.79 4.15 -5.20
CA PHE A 43 -10.34 4.33 -5.26
C PHE A 43 -9.72 3.74 -6.52
N TYR A 44 -10.53 3.04 -7.33
CA TYR A 44 -10.05 2.32 -8.49
C TYR A 44 -10.68 2.76 -9.80
N ASP A 45 -11.96 3.14 -9.78
CA ASP A 45 -12.65 3.65 -10.96
C ASP A 45 -12.23 5.09 -11.22
N GLU A 46 -11.40 5.29 -12.24
CA GLU A 46 -10.83 6.60 -12.53
C GLU A 46 -10.71 6.75 -14.04
N GLY A 47 -11.61 7.53 -14.64
CA GLY A 47 -11.57 7.77 -16.07
C GLY A 47 -11.97 6.55 -16.88
N SER A 48 -11.55 6.56 -18.15
CA SER A 48 -11.86 5.52 -19.13
C SER A 48 -13.34 5.47 -19.49
N GLN A 49 -13.66 4.65 -20.49
CA GLN A 49 -15.04 4.48 -20.96
C GLN A 49 -15.89 3.65 -20.00
N SER A 50 -15.30 2.61 -19.40
CA SER A 50 -16.04 1.75 -18.47
C SER A 50 -16.59 2.51 -17.27
N VAL A 51 -15.88 3.53 -16.78
CA VAL A 51 -16.43 4.27 -15.65
C VAL A 51 -17.55 5.19 -16.10
N ALA A 52 -17.41 5.88 -17.23
CA ALA A 52 -18.52 6.67 -17.72
C ALA A 52 -19.75 5.80 -17.93
N ALA A 53 -19.55 4.61 -18.50
CA ALA A 53 -20.65 3.66 -18.68
C ALA A 53 -21.21 3.16 -17.36
N SER A 54 -20.43 3.18 -16.28
CA SER A 54 -20.99 2.75 -15.00
C SER A 54 -21.83 3.86 -14.39
N LEU A 55 -21.36 5.11 -14.45
CA LEU A 55 -22.18 6.21 -13.93
C LEU A 55 -23.47 6.32 -14.73
N ILE A 56 -23.39 6.21 -16.06
CA ILE A 56 -24.62 6.29 -16.86
C ILE A 56 -25.56 5.12 -16.54
N GLY A 57 -25.00 3.92 -16.34
CA GLY A 57 -25.84 2.77 -16.07
C GLY A 57 -26.57 2.94 -14.75
N ASP A 58 -25.82 3.28 -13.70
CA ASP A 58 -26.44 3.48 -12.39
C ASP A 58 -27.44 4.61 -12.44
N GLU A 59 -27.15 5.66 -13.23
CA GLU A 59 -28.05 6.80 -13.31
C GLU A 59 -29.38 6.41 -13.96
N VAL A 60 -29.36 5.51 -14.94
CA VAL A 60 -30.60 5.18 -15.64
C VAL A 60 -31.33 4.02 -14.96
N TYR A 61 -30.69 2.85 -14.86
CA TYR A 61 -31.37 1.68 -14.31
C TYR A 61 -31.30 1.60 -12.79
N GLY A 62 -30.37 2.30 -12.17
CA GLY A 62 -30.30 2.30 -10.72
C GLY A 62 -29.34 1.26 -10.20
N ARG A 63 -28.74 1.56 -9.05
CA ARG A 63 -27.79 0.64 -8.45
C ARG A 63 -28.47 -0.65 -8.02
N ASP A 64 -27.78 -1.77 -8.25
CA ASP A 64 -28.31 -3.09 -7.91
C ASP A 64 -27.78 -3.44 -6.52
N ARG A 65 -28.67 -3.59 -5.55
CA ARG A 65 -28.28 -3.88 -4.18
C ARG A 65 -28.59 -5.32 -3.76
N THR A 66 -28.95 -6.20 -4.69
CA THR A 66 -29.27 -7.57 -4.31
C THR A 66 -28.01 -8.37 -4.00
N SER A 67 -26.88 -8.02 -4.62
CA SER A 67 -25.61 -8.73 -4.44
C SER A 67 -24.76 -8.11 -3.31
N HIS A 68 -25.32 -8.13 -2.09
CA HIS A 68 -24.64 -7.62 -0.91
C HIS A 68 -24.44 -8.67 0.16
N VAL A 69 -25.49 -9.42 0.50
CA VAL A 69 -25.41 -10.45 1.52
C VAL A 69 -26.32 -11.60 1.11
N VAL A 70 -25.79 -12.82 1.21
CA VAL A 70 -26.52 -14.05 0.97
C VAL A 70 -26.36 -14.95 2.18
N ALA A 71 -27.45 -15.20 2.90
CA ALA A 71 -27.43 -15.99 4.11
C ALA A 71 -27.96 -17.39 3.82
N ILE A 72 -27.22 -18.39 4.28
CA ILE A 72 -27.57 -19.80 4.12
C ILE A 72 -28.20 -20.29 5.41
N LEU A 73 -29.47 -20.67 5.34
CA LEU A 73 -30.22 -21.13 6.51
C LEU A 73 -30.28 -22.65 6.48
N THR A 74 -29.99 -23.26 7.63
CA THR A 74 -29.97 -24.72 7.75
C THR A 74 -30.81 -25.13 8.95
N PRO A 75 -31.86 -25.93 8.76
CA PRO A 75 -32.70 -26.34 9.89
C PRO A 75 -31.95 -27.30 10.80
N PRO A 76 -32.14 -27.18 12.11
CA PRO A 76 -31.47 -28.08 13.04
C PRO A 76 -32.07 -29.47 13.03
N ASP A 77 -31.34 -30.41 13.62
CA ASP A 77 -31.74 -31.82 13.72
C ASP A 77 -31.92 -32.46 12.35
N ASP A 78 -31.12 -32.00 11.38
CA ASP A 78 -31.10 -32.52 10.01
C ASP A 78 -32.48 -32.48 9.35
N LYS A 79 -33.31 -31.52 9.74
CA LYS A 79 -34.60 -31.34 9.07
C LYS A 79 -34.38 -30.62 7.75
N LYS A 80 -35.17 -31.00 6.74
CA LYS A 80 -35.03 -30.36 5.44
C LYS A 80 -35.79 -29.04 5.39
N VAL A 81 -35.34 -28.16 4.50
CA VAL A 81 -35.93 -26.83 4.34
C VAL A 81 -37.39 -26.89 3.94
N THR A 82 -37.85 -28.02 3.41
CA THR A 82 -39.26 -28.14 3.04
C THR A 82 -40.18 -28.24 4.25
N ASP A 83 -39.63 -28.54 5.44
CA ASP A 83 -40.41 -28.52 6.67
C ASP A 83 -41.25 -27.25 6.73
N LYS A 84 -42.58 -27.41 6.80
CA LYS A 84 -43.40 -26.21 6.70
C LYS A 84 -43.48 -25.46 8.03
N ALA A 85 -43.53 -26.16 9.16
CA ALA A 85 -43.61 -25.44 10.43
C ALA A 85 -42.38 -24.57 10.62
N TRP A 86 -41.21 -25.12 10.30
CA TRP A 86 -39.98 -24.35 10.43
C TRP A 86 -40.02 -23.12 9.52
N GLN A 87 -40.45 -23.30 8.28
CA GLN A 87 -40.46 -22.14 7.39
C GLN A 87 -41.29 -21.02 8.02
N LYS A 88 -42.51 -21.35 8.49
CA LYS A 88 -43.35 -20.32 9.11
C LYS A 88 -42.63 -19.68 10.28
N LYS A 89 -41.87 -20.49 11.03
CA LYS A 89 -41.19 -19.99 12.20
C LYS A 89 -40.15 -18.97 11.77
N VAL A 90 -39.34 -19.34 10.79
CA VAL A 90 -38.28 -18.43 10.39
C VAL A 90 -38.90 -17.24 9.71
N THR A 91 -40.03 -17.44 9.00
CA THR A 91 -40.61 -16.28 8.35
C THR A 91 -41.06 -15.27 9.39
N GLU A 92 -41.67 -15.74 10.49
CA GLU A 92 -42.04 -14.80 11.54
C GLU A 92 -40.79 -14.13 12.10
N GLU A 93 -39.71 -14.91 12.22
CA GLU A 93 -38.44 -14.36 12.67
C GLU A 93 -37.95 -13.33 11.69
N LEU A 94 -38.05 -13.65 10.39
CA LEU A 94 -37.70 -12.68 9.37
C LEU A 94 -38.61 -11.47 9.48
N ASP A 95 -39.93 -11.69 9.59
CA ASP A 95 -40.84 -10.57 9.78
C ASP A 95 -40.50 -9.79 11.04
N GLN A 96 -39.85 -10.43 12.02
CA GLN A 96 -39.57 -9.74 13.26
C GLN A 96 -38.42 -8.78 13.02
N VAL A 97 -37.45 -9.21 12.21
CA VAL A 97 -36.34 -8.34 11.91
C VAL A 97 -36.84 -7.26 10.98
N VAL A 98 -37.79 -7.59 10.10
CA VAL A 98 -38.38 -6.56 9.26
C VAL A 98 -39.10 -5.55 10.15
N LYS A 99 -39.66 -6.02 11.27
CA LYS A 99 -40.31 -5.08 12.17
C LYS A 99 -39.29 -4.18 12.85
N ASP A 100 -38.09 -4.71 13.15
CA ASP A 100 -37.09 -3.92 13.85
C ASP A 100 -36.20 -3.09 12.93
N HIS A 101 -36.16 -3.35 11.63
CA HIS A 101 -35.27 -2.61 10.75
C HIS A 101 -35.95 -2.21 9.44
N GLU A 102 -37.13 -1.59 9.53
CA GLU A 102 -37.79 -1.12 8.31
C GLU A 102 -36.94 -0.08 7.59
N ASP A 103 -36.14 0.68 8.33
CA ASP A 103 -35.30 1.75 7.80
C ASP A 103 -34.01 1.26 7.13
N GLN A 104 -33.62 0.01 7.33
CA GLN A 104 -32.42 -0.54 6.69
C GLN A 104 -32.67 -1.54 5.58
N ILE A 105 -33.75 -2.32 5.61
CA ILE A 105 -33.98 -3.35 4.59
C ILE A 105 -35.20 -2.96 3.76
N VAL A 106 -35.06 -3.09 2.44
CA VAL A 106 -36.20 -2.98 1.54
C VAL A 106 -37.09 -4.21 1.65
N GLY A 107 -36.49 -5.39 1.58
CA GLY A 107 -37.24 -6.63 1.66
C GLY A 107 -36.36 -7.79 1.25
N TRP A 108 -36.94 -8.98 1.40
CA TRP A 108 -36.28 -10.22 1.03
C TRP A 108 -36.96 -10.89 -0.16
N VAL A 109 -36.16 -11.55 -0.99
CA VAL A 109 -36.61 -12.16 -2.23
C VAL A 109 -35.99 -13.54 -2.31
N GLY A 110 -36.73 -14.48 -2.87
CA GLY A 110 -36.21 -15.83 -3.06
C GLY A 110 -37.33 -16.82 -3.25
N TRP A 111 -36.92 -18.09 -3.38
CA TRP A 111 -37.88 -19.17 -3.60
C TRP A 111 -38.88 -19.27 -2.46
N LEU A 112 -38.47 -18.93 -1.24
CA LEU A 112 -39.40 -18.98 -0.10
C LEU A 112 -40.60 -18.07 -0.35
N LYS A 113 -40.39 -16.92 -0.98
CA LYS A 113 -41.49 -16.00 -1.25
C LYS A 113 -42.43 -16.50 -2.33
N ALA A 114 -42.07 -17.58 -3.04
CA ALA A 114 -42.94 -18.14 -4.07
C ALA A 114 -42.66 -19.61 -4.31
N PRO A 115 -43.02 -20.49 -3.37
CA PRO A 115 -42.69 -21.92 -3.54
C PRO A 115 -43.22 -22.51 -4.84
N ASP A 116 -44.43 -22.09 -5.25
CA ASP A 116 -45.10 -22.58 -6.45
C ASP A 116 -44.95 -21.52 -7.53
N THR A 117 -43.76 -21.46 -8.11
CA THR A 117 -43.43 -20.49 -9.16
C THR A 117 -43.00 -21.20 -10.43
N THR A 118 -43.33 -20.59 -11.56
CA THR A 118 -43.00 -21.06 -12.90
C THR A 118 -41.71 -20.47 -13.43
N ASP A 119 -40.99 -19.71 -12.61
CA ASP A 119 -39.73 -19.11 -13.04
C ASP A 119 -38.65 -20.19 -13.07
N PRO A 120 -38.03 -20.44 -14.23
CA PRO A 120 -37.03 -21.52 -14.35
C PRO A 120 -35.86 -21.37 -13.38
N THR A 121 -35.14 -20.25 -13.48
CA THR A 121 -33.96 -20.04 -12.64
C THR A 121 -34.26 -20.19 -11.16
N VAL A 122 -35.46 -19.77 -10.73
CA VAL A 122 -35.84 -19.96 -9.33
C VAL A 122 -36.06 -21.43 -9.03
N SER A 123 -36.64 -22.19 -9.96
CA SER A 123 -36.72 -23.63 -9.69
C SER A 123 -35.35 -24.29 -9.76
N ALA A 124 -34.38 -23.63 -10.40
CA ALA A 124 -33.00 -24.07 -10.47
C ALA A 124 -32.21 -23.64 -9.24
N MET A 125 -32.81 -22.80 -8.40
CA MET A 125 -32.16 -22.39 -7.16
C MET A 125 -32.17 -23.49 -6.11
N LYS A 126 -33.29 -24.17 -5.92
CA LYS A 126 -33.34 -25.26 -4.96
C LYS A 126 -32.38 -26.38 -5.35
N THR A 127 -31.71 -26.95 -4.34
CA THR A 127 -30.77 -28.01 -4.60
C THR A 127 -31.52 -29.29 -4.96
N GLN A 128 -30.87 -30.17 -5.72
CA GLN A 128 -31.57 -31.37 -6.17
C GLN A 128 -32.06 -32.25 -5.03
N ASP A 129 -31.51 -32.10 -3.81
CA ASP A 129 -31.98 -32.90 -2.69
C ASP A 129 -32.94 -32.17 -1.76
N LEU A 130 -33.27 -30.90 -2.05
CA LEU A 130 -34.23 -30.14 -1.25
C LEU A 130 -33.76 -29.97 0.19
N ARG A 131 -32.44 -29.95 0.42
CA ARG A 131 -31.91 -29.76 1.77
C ARG A 131 -31.38 -28.36 2.08
N HIS A 132 -31.12 -27.51 1.08
CA HIS A 132 -30.57 -26.20 1.40
C HIS A 132 -31.16 -25.13 0.49
N THR A 133 -31.33 -23.93 1.06
CA THR A 133 -31.77 -22.76 0.34
C THR A 133 -31.22 -21.51 1.03
N PHE A 134 -30.79 -20.54 0.24
CA PHE A 134 -30.21 -19.30 0.75
C PHE A 134 -31.09 -18.12 0.35
N ILE A 135 -31.05 -17.06 1.16
CA ILE A 135 -31.85 -15.87 0.86
C ILE A 135 -30.94 -14.64 0.82
N SER A 136 -31.34 -13.66 0.02
CA SER A 136 -30.66 -12.37 -0.07
C SER A 136 -31.42 -11.30 0.69
N ILE A 137 -30.70 -10.48 1.44
CA ILE A 137 -31.33 -9.47 2.30
C ILE A 137 -30.75 -8.12 1.92
N PRO A 138 -31.25 -7.48 0.85
CA PRO A 138 -30.75 -6.16 0.47
C PRO A 138 -30.95 -5.12 1.56
N LEU A 139 -29.97 -4.21 1.68
CA LEU A 139 -29.95 -3.18 2.70
C LEU A 139 -30.03 -1.80 2.05
N GLN A 140 -30.50 -0.82 2.82
CA GLN A 140 -30.54 0.55 2.33
C GLN A 140 -29.15 1.18 2.38
N GLY A 141 -28.96 2.19 1.53
CA GLY A 141 -27.71 2.92 1.49
C GLY A 141 -27.29 3.32 0.10
N ASP A 142 -26.69 4.51 -0.04
CA ASP A 142 -26.23 4.96 -1.34
C ASP A 142 -24.76 4.65 -1.60
N ASP A 143 -23.97 4.41 -0.55
CA ASP A 143 -22.59 4.01 -0.69
C ASP A 143 -22.29 2.90 0.31
N ASP A 144 -21.15 2.24 0.12
CA ASP A 144 -20.74 1.10 0.95
C ASP A 144 -20.58 1.46 2.42
N ASP A 145 -20.34 2.72 2.77
CA ASP A 145 -20.19 3.06 4.18
C ASP A 145 -21.54 3.01 4.90
N GLU A 146 -22.56 3.66 4.32
CA GLU A 146 -23.88 3.58 4.94
C GLU A 146 -24.34 2.12 5.00
N ILE A 147 -24.04 1.36 3.94
CA ILE A 147 -24.41 -0.06 3.90
C ILE A 147 -23.74 -0.80 5.04
N LEU A 148 -22.43 -0.59 5.22
CA LEU A 148 -21.72 -1.28 6.29
C LEU A 148 -22.27 -0.89 7.66
N LYS A 149 -22.58 0.40 7.86
CA LYS A 149 -23.16 0.81 9.14
C LYS A 149 -24.54 0.21 9.34
N ASN A 150 -25.23 -0.12 8.25
CA ASN A 150 -26.53 -0.78 8.39
C ASN A 150 -26.31 -2.24 8.73
N TYR A 151 -25.28 -2.84 8.13
CA TYR A 151 -24.99 -4.23 8.47
C TYR A 151 -24.64 -4.32 9.94
N GLN A 152 -23.92 -3.31 10.46
CA GLN A 152 -23.58 -3.36 11.87
C GLN A 152 -24.80 -3.08 12.75
N VAL A 153 -25.82 -2.41 12.19
CA VAL A 153 -27.06 -2.19 12.94
C VAL A 153 -27.92 -3.44 12.98
N VAL A 154 -27.78 -4.33 11.99
CA VAL A 154 -28.65 -5.48 11.87
C VAL A 154 -27.97 -6.81 12.22
N GLU A 155 -26.64 -6.87 12.24
CA GLU A 155 -25.92 -8.12 12.49
C GLU A 155 -26.40 -8.86 13.74
N PRO A 156 -26.61 -8.21 14.91
CA PRO A 156 -27.16 -8.95 16.06
C PRO A 156 -28.42 -9.77 15.73
N GLU A 157 -29.48 -9.07 15.33
CA GLU A 157 -30.74 -9.76 15.05
C GLU A 157 -30.61 -10.76 13.91
N LEU A 158 -29.69 -10.53 12.96
CA LEU A 158 -29.58 -11.51 11.89
C LEU A 158 -28.86 -12.75 12.40
N GLN A 159 -27.88 -12.55 13.28
CA GLN A 159 -27.09 -13.61 13.86
C GLN A 159 -27.85 -14.36 14.93
N GLN A 160 -29.04 -13.89 15.30
CA GLN A 160 -29.84 -14.54 16.32
C GLN A 160 -30.87 -15.51 15.76
N VAL A 161 -31.03 -15.56 14.43
CA VAL A 161 -31.99 -16.49 13.84
C VAL A 161 -31.49 -17.92 14.04
N ASN A 162 -32.41 -18.88 13.87
CA ASN A 162 -32.10 -20.31 13.99
C ASN A 162 -31.43 -20.62 15.33
N GLY A 163 -31.88 -19.94 16.38
CA GLY A 163 -31.30 -20.13 17.70
C GLY A 163 -29.83 -19.81 17.79
N GLY A 164 -29.36 -18.84 17.01
CA GLY A 164 -27.96 -18.45 17.03
C GLY A 164 -27.08 -19.22 16.06
N ASP A 165 -27.57 -20.32 15.48
CA ASP A 165 -26.78 -21.17 14.60
C ASP A 165 -27.01 -20.68 13.17
N ILE A 166 -26.31 -19.61 12.83
CA ILE A 166 -26.38 -19.04 11.48
C ILE A 166 -25.06 -18.40 11.08
N ARG A 167 -24.49 -18.87 9.96
CA ARG A 167 -23.20 -18.39 9.48
C ARG A 167 -23.45 -17.27 8.48
N LEU A 168 -22.85 -16.11 8.75
CA LEU A 168 -23.03 -14.91 7.93
C LEU A 168 -21.81 -14.69 7.04
N ALA A 169 -22.02 -14.75 5.72
CA ALA A 169 -20.98 -14.47 4.74
C ALA A 169 -21.51 -13.43 3.75
N GLY A 170 -20.68 -13.04 2.80
CA GLY A 170 -21.05 -12.07 1.79
C GLY A 170 -20.17 -10.85 1.85
N LEU A 171 -20.63 -9.78 1.18
CA LEU A 171 -19.82 -8.57 1.07
C LEU A 171 -19.69 -7.86 2.42
N ASN A 172 -20.80 -7.70 3.15
CA ASN A 172 -20.73 -6.90 4.37
C ASN A 172 -20.10 -7.72 5.49
N PRO A 173 -20.45 -9.01 5.66
CA PRO A 173 -19.72 -9.84 6.65
C PRO A 173 -18.22 -9.81 6.43
N LEU A 174 -17.80 -9.70 5.18
CA LEU A 174 -16.38 -9.65 4.87
C LEU A 174 -15.81 -8.26 5.17
N ALA A 175 -16.48 -7.19 4.73
CA ALA A 175 -15.97 -5.87 5.05
C ALA A 175 -15.80 -5.70 6.56
N SER A 176 -16.76 -6.24 7.32
CA SER A 176 -16.70 -6.26 8.78
C SER A 176 -15.53 -7.09 9.28
N GLU A 177 -15.26 -8.22 8.62
CA GLU A 177 -14.15 -9.07 9.02
C GLU A 177 -12.82 -8.36 8.73
N LEU A 178 -12.77 -7.61 7.64
CA LEU A 178 -11.55 -6.89 7.28
C LEU A 178 -11.27 -5.79 8.28
N THR A 179 -12.21 -4.85 8.45
CA THR A 179 -11.91 -3.84 9.46
C THR A 179 -11.72 -4.44 10.85
N GLY A 180 -12.29 -5.62 11.15
CA GLY A 180 -11.98 -6.13 12.45
C GLY A 180 -10.56 -6.66 12.48
N THR A 181 -10.05 -7.16 11.33
CA THR A 181 -8.66 -7.55 11.32
C THR A 181 -7.79 -6.32 11.52
N ILE A 182 -8.33 -5.17 11.12
CA ILE A 182 -7.63 -3.90 11.33
C ILE A 182 -7.44 -3.66 12.82
N GLY A 183 -8.55 -3.71 13.55
CA GLY A 183 -8.47 -3.50 14.99
C GLY A 183 -7.62 -4.56 15.68
N GLU A 184 -7.74 -5.82 15.26
CA GLU A 184 -6.92 -6.89 15.82
C GLU A 184 -5.44 -6.67 15.55
N ASP A 185 -5.11 -6.06 14.40
CA ASP A 185 -3.72 -5.86 14.04
C ASP A 185 -3.17 -4.66 14.78
N GLN A 186 -3.99 -3.63 14.98
CA GLN A 186 -3.51 -2.48 15.73
C GLN A 186 -3.25 -2.88 17.17
N LYS A 187 -4.23 -3.51 17.82
CA LYS A 187 -4.03 -3.92 19.21
C LYS A 187 -2.91 -4.96 19.33
N ARG A 188 -2.82 -5.87 18.37
CA ARG A 188 -1.77 -6.87 18.42
C ARG A 188 -0.41 -6.16 18.39
N ALA A 189 -0.30 -5.17 17.52
CA ALA A 189 0.92 -4.40 17.36
C ALA A 189 1.30 -3.62 18.62
N GLU A 190 0.31 -3.02 19.28
CA GLU A 190 0.58 -2.23 20.48
C GLU A 190 0.89 -3.09 21.71
N VAL A 191 0.51 -4.37 21.66
CA VAL A 191 0.81 -5.28 22.78
C VAL A 191 1.96 -6.25 22.48
N ALA A 192 2.42 -6.26 21.23
CA ALA A 192 3.50 -7.13 20.83
C ALA A 192 4.71 -6.27 20.48
N ALA A 193 4.47 -5.05 20.00
CA ALA A 193 5.49 -4.11 19.57
C ALA A 193 5.98 -3.23 20.72
N ILE A 194 5.11 -2.47 21.43
CA ILE A 194 5.75 -1.60 22.43
C ILE A 194 6.60 -2.36 23.46
N PRO A 195 6.27 -3.60 23.87
CA PRO A 195 7.24 -4.31 24.73
C PRO A 195 8.48 -4.76 23.99
N LEU A 196 8.32 -5.26 22.76
CA LEU A 196 9.50 -5.65 22.01
C LEU A 196 10.39 -4.46 21.71
N VAL A 197 9.82 -3.35 21.22
CA VAL A 197 10.68 -2.21 20.99
C VAL A 197 11.23 -1.65 22.29
N ALA A 198 10.60 -1.96 23.41
CA ALA A 198 11.12 -1.51 24.70
C ALA A 198 12.36 -2.31 25.09
N VAL A 199 12.31 -3.63 24.92
CA VAL A 199 13.50 -4.40 25.27
C VAL A 199 14.61 -4.23 24.23
N VAL A 200 14.27 -4.06 22.95
CA VAL A 200 15.33 -3.81 21.97
C VAL A 200 16.01 -2.48 22.27
N LEU A 201 15.25 -1.47 22.69
CA LEU A 201 15.90 -0.20 23.02
C LEU A 201 16.73 -0.33 24.28
N PHE A 202 16.24 -1.10 25.27
CA PHE A 202 16.98 -1.18 26.52
C PHE A 202 18.27 -1.98 26.36
N PHE A 203 18.29 -2.93 25.41
CA PHE A 203 19.47 -3.76 25.18
C PHE A 203 20.54 -3.08 24.33
N VAL A 204 20.22 -1.96 23.67
CA VAL A 204 21.22 -1.23 22.91
C VAL A 204 21.84 -0.09 23.72
N PHE A 205 21.11 0.41 24.71
CA PHE A 205 21.58 1.53 25.50
C PHE A 205 21.82 1.12 26.96
N GLY A 206 22.33 2.09 27.71
CA GLY A 206 22.63 1.93 29.12
C GLY A 206 21.88 2.90 30.01
N THR A 207 21.27 3.92 29.40
CA THR A 207 20.50 4.92 30.13
C THR A 207 19.06 4.98 29.66
N VAL A 208 18.17 5.25 30.61
CA VAL A 208 16.72 5.19 30.40
C VAL A 208 16.28 6.19 29.34
N ILE A 209 16.67 7.45 29.50
CA ILE A 209 16.23 8.54 28.64
C ILE A 209 16.53 8.27 27.17
N ALA A 210 17.75 7.82 26.85
CA ALA A 210 18.07 7.57 25.45
C ALA A 210 17.11 6.56 24.83
N ALA A 211 16.60 5.61 25.63
CA ALA A 211 15.67 4.62 25.10
C ALA A 211 14.23 5.13 25.15
N ALA A 212 13.97 6.09 26.04
CA ALA A 212 12.62 6.62 26.21
C ALA A 212 12.33 7.73 25.20
N LEU A 213 13.39 8.33 24.66
CA LEU A 213 13.23 9.41 23.70
C LEU A 213 12.52 8.95 22.43
N PRO A 214 12.95 7.87 21.76
CA PRO A 214 12.22 7.46 20.54
C PRO A 214 10.73 7.22 20.79
N ALA A 215 10.35 6.79 21.99
CA ALA A 215 8.94 6.61 22.28
C ALA A 215 8.22 7.95 22.39
N ILE A 216 8.86 8.93 23.04
CA ILE A 216 8.28 10.26 23.12
C ILE A 216 8.09 10.83 21.72
N ILE A 217 9.10 10.66 20.86
CA ILE A 217 8.99 11.12 19.48
C ILE A 217 7.86 10.41 18.76
N GLY A 218 7.71 9.11 19.03
CA GLY A 218 6.64 8.34 18.39
C GLY A 218 5.25 8.80 18.77
N GLY A 219 5.00 9.05 20.06
CA GLY A 219 3.68 9.54 20.44
C GLY A 219 3.35 10.89 19.84
N LEU A 220 4.29 11.83 19.90
CA LEU A 220 4.10 13.14 19.26
C LEU A 220 3.92 13.02 17.75
N ALA A 221 4.55 12.04 17.13
CA ALA A 221 4.46 11.88 15.68
C ALA A 221 3.05 11.51 15.22
N ILE A 222 2.41 10.52 15.84
CA ILE A 222 1.07 10.17 15.38
C ILE A 222 0.09 11.29 15.68
N ALA A 223 0.26 11.98 16.82
CA ALA A 223 -0.60 13.11 17.15
C ALA A 223 -0.47 14.23 16.13
N GLY A 224 0.76 14.56 15.74
CA GLY A 224 0.96 15.57 14.74
C GLY A 224 0.62 15.12 13.35
N ALA A 225 0.60 13.82 13.09
CA ALA A 225 0.23 13.38 11.75
C ALA A 225 -1.30 13.45 11.63
N LEU A 226 -2.00 13.08 12.70
CA LEU A 226 -3.45 13.22 12.68
C LEU A 226 -3.84 14.68 12.59
N GLY A 227 -3.01 15.59 13.15
CA GLY A 227 -3.32 17.01 13.02
C GLY A 227 -3.03 17.53 11.62
N ILE A 228 -1.95 17.03 11.00
CA ILE A 228 -1.63 17.42 9.63
C ILE A 228 -2.76 16.98 8.72
N MET A 229 -3.21 15.74 8.88
CA MET A 229 -4.29 15.26 8.03
C MET A 229 -5.61 15.96 8.33
N ARG A 230 -5.87 16.33 9.59
CA ARG A 230 -7.06 17.14 9.86
C ARG A 230 -7.01 18.48 9.13
N LEU A 231 -5.81 19.05 8.96
CA LEU A 231 -5.69 20.26 8.17
C LEU A 231 -5.78 19.99 6.67
N VAL A 232 -5.27 18.84 6.24
CA VAL A 232 -5.31 18.41 4.85
C VAL A 232 -6.73 18.13 4.38
N ALA A 233 -7.56 17.58 5.26
CA ALA A 233 -8.94 17.24 4.95
C ALA A 233 -9.84 18.40 4.57
N GLU A 234 -9.39 19.65 4.67
CA GLU A 234 -10.31 20.70 4.26
C GLU A 234 -10.28 20.83 2.74
N PHE A 235 -9.21 20.33 2.12
CA PHE A 235 -9.04 20.39 0.66
C PHE A 235 -9.07 19.00 0.05
N THR A 236 -8.30 18.05 0.61
CA THR A 236 -8.19 16.68 0.14
C THR A 236 -8.18 15.70 1.31
N PRO A 237 -8.94 14.62 1.20
CA PRO A 237 -9.04 13.65 2.30
C PRO A 237 -8.08 12.46 2.20
N VAL A 238 -7.83 11.79 3.33
CA VAL A 238 -6.97 10.60 3.39
C VAL A 238 -7.71 9.48 4.12
N HIS A 239 -7.51 8.24 3.68
CA HIS A 239 -8.30 7.13 4.19
C HIS A 239 -7.51 5.83 4.25
N PHE A 240 -8.19 4.77 4.71
CA PHE A 240 -7.87 3.36 4.51
C PHE A 240 -6.85 2.74 5.47
N PHE A 241 -6.67 1.42 5.33
CA PHE A 241 -5.60 0.62 5.93
C PHE A 241 -4.24 1.25 5.65
N ALA A 242 -4.20 2.11 4.65
CA ALA A 242 -2.95 2.75 4.24
C ALA A 242 -2.49 3.76 5.29
N GLN A 243 -3.33 4.05 6.28
CA GLN A 243 -2.93 5.00 7.32
C GLN A 243 -2.05 4.36 8.38
N PRO A 244 -2.40 3.22 8.99
CA PRO A 244 -1.45 2.64 9.95
C PRO A 244 -0.12 2.29 9.32
N VAL A 245 -0.10 1.80 8.07
CA VAL A 245 1.18 1.49 7.44
C VAL A 245 2.04 2.74 7.34
N VAL A 246 1.40 3.89 7.09
CA VAL A 246 2.06 5.20 7.03
C VAL A 246 2.59 5.59 8.39
N THR A 247 1.89 5.18 9.45
CA THR A 247 2.34 5.56 10.78
C THR A 247 3.48 4.65 11.22
N LEU A 248 3.49 3.40 10.77
CA LEU A 248 4.53 2.51 11.25
C LEU A 248 5.81 2.83 10.48
N ILE A 249 5.67 3.12 9.18
CA ILE A 249 6.84 3.38 8.35
C ILE A 249 7.46 4.70 8.79
N GLY A 250 6.63 5.75 8.88
CA GLY A 250 7.13 7.06 9.27
C GLY A 250 7.74 7.02 10.66
N LEU A 251 7.04 6.38 11.62
CA LEU A 251 7.56 6.31 12.98
C LEU A 251 8.87 5.53 13.01
N GLY A 252 9.05 4.63 12.04
CA GLY A 252 10.26 3.82 12.00
C GLY A 252 11.43 4.63 11.47
N ILE A 253 11.29 5.19 10.28
CA ILE A 253 12.42 5.92 9.74
C ILE A 253 12.67 7.17 10.57
N ALA A 254 11.62 7.71 11.21
CA ALA A 254 11.77 8.84 12.12
C ALA A 254 12.61 8.46 13.33
N ILE A 255 12.39 7.26 13.88
CA ILE A 255 13.25 6.76 14.96
C ILE A 255 14.66 6.54 14.46
N ASP A 256 14.82 6.13 13.20
CA ASP A 256 16.16 6.04 12.62
C ASP A 256 16.84 7.42 12.61
N TYR A 257 16.11 8.44 12.17
CA TYR A 257 16.65 9.79 12.16
C TYR A 257 17.06 10.23 13.56
N GLY A 258 16.15 10.08 14.53
CA GLY A 258 16.55 10.41 15.89
C GLY A 258 17.63 9.52 16.45
N LEU A 259 17.89 8.39 15.80
CA LEU A 259 18.97 7.52 16.26
C LEU A 259 20.28 8.08 15.78
N PHE A 260 20.27 8.63 14.57
CA PHE A 260 21.48 9.22 14.03
C PHE A 260 21.74 10.56 14.72
N ILE A 261 20.69 11.15 15.31
CA ILE A 261 20.86 12.42 16.00
C ILE A 261 21.43 12.17 17.38
N VAL A 262 20.93 11.15 18.08
CA VAL A 262 21.45 10.88 19.41
C VAL A 262 22.86 10.34 19.30
N SER A 263 23.15 9.54 18.27
CA SER A 263 24.49 9.00 18.10
C SER A 263 25.48 10.10 17.77
N ARG A 264 25.17 10.95 16.77
CA ARG A 264 26.09 12.05 16.45
C ARG A 264 26.26 13.01 17.62
N PHE A 265 25.21 13.20 18.44
CA PHE A 265 25.35 14.07 19.60
C PHE A 265 26.25 13.47 20.66
N ARG A 266 26.06 12.18 20.98
CA ARG A 266 26.97 11.52 21.90
C ARG A 266 28.40 11.53 21.38
N GLU A 267 28.57 11.41 20.05
CA GLU A 267 29.91 11.42 19.50
C GLU A 267 30.59 12.76 19.69
N GLU A 268 29.85 13.85 19.39
CA GLU A 268 30.44 15.18 19.57
C GLU A 268 30.68 15.49 21.04
N ILE A 269 29.82 14.98 21.94
CA ILE A 269 30.05 15.19 23.37
C ILE A 269 31.30 14.45 23.81
N ALA A 270 31.49 13.23 23.30
CA ALA A 270 32.66 12.44 23.66
C ALA A 270 33.95 13.03 23.10
N GLU A 271 33.91 13.71 21.96
CA GLU A 271 35.16 14.31 21.49
C GLU A 271 35.56 15.53 22.30
N GLY A 272 34.68 16.05 23.16
CA GLY A 272 35.01 17.18 23.99
C GLY A 272 34.56 18.55 23.50
N TYR A 273 33.49 18.63 22.72
CA TYR A 273 33.01 19.93 22.23
C TYR A 273 31.87 20.41 23.12
N ASP A 274 31.78 21.72 23.27
CA ASP A 274 30.66 22.24 24.05
C ASP A 274 29.35 22.06 23.29
N THR A 275 28.24 22.23 24.03
CA THR A 275 26.92 21.97 23.49
C THR A 275 26.60 22.79 22.24
N GLU A 276 26.85 24.10 22.28
CA GLU A 276 26.54 24.96 21.15
C GLU A 276 27.30 24.58 19.87
N ALA A 277 28.63 24.48 19.94
CA ALA A 277 29.38 24.13 18.74
C ALA A 277 28.97 22.77 18.19
N ALA A 278 28.76 21.81 19.09
CA ALA A 278 28.38 20.48 18.66
C ALA A 278 27.04 20.51 17.97
N VAL A 279 26.07 21.18 18.58
CA VAL A 279 24.73 21.24 18.00
C VAL A 279 24.75 21.97 16.67
N ARG A 280 25.56 23.02 16.52
CA ARG A 280 25.54 23.70 15.22
C ARG A 280 26.13 22.85 14.10
N ARG A 281 27.23 22.13 14.35
CA ARG A 281 27.72 21.31 13.23
C ARG A 281 26.86 20.08 13.00
N THR A 282 26.29 19.49 14.06
CA THR A 282 25.42 18.35 13.84
C THR A 282 24.15 18.77 13.11
N VAL A 283 23.64 19.95 13.43
CA VAL A 283 22.43 20.43 12.77
C VAL A 283 22.64 20.47 11.26
N MET A 284 23.63 21.23 10.82
CA MET A 284 23.93 21.37 9.40
C MET A 284 24.33 20.01 8.81
N THR A 285 25.10 19.24 9.55
CA THR A 285 25.54 17.93 9.11
C THR A 285 24.37 16.97 8.92
N SER A 286 23.39 17.00 9.83
CA SER A 286 22.24 16.11 9.71
C SER A 286 21.25 16.73 8.75
N GLY A 287 20.87 17.96 9.04
CA GLY A 287 19.94 18.70 8.21
C GLY A 287 20.31 18.69 6.74
N ARG A 288 21.61 18.81 6.40
CA ARG A 288 21.90 18.70 4.96
C ARG A 288 21.61 17.30 4.43
N THR A 289 21.81 16.26 5.26
CA THR A 289 21.53 14.91 4.78
C THR A 289 20.02 14.66 4.69
N VAL A 290 19.25 15.20 5.64
CA VAL A 290 17.80 15.02 5.61
C VAL A 290 17.22 15.77 4.42
N VAL A 291 17.69 16.98 4.16
CA VAL A 291 17.21 17.75 3.01
C VAL A 291 17.48 16.98 1.72
N PHE A 292 18.70 16.44 1.55
CA PHE A 292 18.96 15.63 0.37
C PHE A 292 18.04 14.42 0.30
N SER A 293 17.88 13.70 1.43
CA SER A 293 17.01 12.52 1.45
C SER A 293 15.57 12.89 1.09
N ALA A 294 15.11 14.04 1.56
CA ALA A 294 13.75 14.48 1.30
C ALA A 294 13.58 14.85 -0.17
N VAL A 295 14.51 15.63 -0.73
CA VAL A 295 14.35 15.98 -2.13
C VAL A 295 14.41 14.71 -2.98
N ILE A 296 15.14 13.68 -2.52
CA ILE A 296 15.19 12.42 -3.27
C ILE A 296 13.84 11.71 -3.20
N ILE A 297 13.24 11.67 -2.01
CA ILE A 297 11.93 11.05 -1.84
C ILE A 297 10.86 11.79 -2.63
N VAL A 298 10.94 13.12 -2.69
CA VAL A 298 10.01 13.90 -3.51
C VAL A 298 10.10 13.52 -4.97
N ALA A 299 11.32 13.44 -5.51
CA ALA A 299 11.51 12.98 -6.89
C ALA A 299 11.00 11.56 -7.07
N SER A 300 10.96 10.77 -5.99
CA SER A 300 10.46 9.41 -6.09
C SER A 300 8.93 9.37 -6.05
N SER A 301 8.30 10.44 -5.54
CA SER A 301 6.86 10.39 -5.37
C SER A 301 6.11 11.19 -6.44
N VAL A 302 6.70 12.29 -6.91
CA VAL A 302 5.99 13.13 -7.89
C VAL A 302 5.64 12.39 -9.18
N PRO A 303 6.48 11.50 -9.73
CA PRO A 303 6.04 10.85 -10.96
C PRO A 303 4.71 10.16 -10.80
N LEU A 304 4.35 9.64 -9.62
CA LEU A 304 3.02 9.07 -9.53
C LEU A 304 1.99 10.16 -9.81
N LEU A 305 2.28 11.40 -9.40
CA LEU A 305 1.37 12.49 -9.70
C LEU A 305 1.35 12.79 -11.18
N LEU A 306 2.36 12.33 -11.92
CA LEU A 306 2.30 12.39 -13.38
C LEU A 306 1.19 11.51 -13.95
N PHE A 307 0.84 10.43 -13.26
CA PHE A 307 -0.20 9.48 -13.67
C PHE A 307 -1.07 9.20 -12.46
N PRO A 308 -2.26 9.79 -12.38
CA PRO A 308 -3.08 9.65 -11.18
C PRO A 308 -3.86 8.36 -11.10
N GLN A 309 -4.25 8.03 -9.87
CA GLN A 309 -5.01 6.82 -9.53
C GLN A 309 -5.99 7.16 -8.41
N GLY A 310 -5.49 7.13 -7.17
CA GLY A 310 -6.29 7.51 -6.02
C GLY A 310 -5.73 7.06 -4.69
N PHE A 311 -5.91 5.78 -4.37
CA PHE A 311 -5.33 5.18 -3.17
C PHE A 311 -3.82 5.43 -3.11
N LEU A 312 -3.16 5.29 -4.26
CA LEU A 312 -1.73 5.52 -4.31
C LEU A 312 -1.44 7.00 -4.12
N LYS A 313 -2.18 7.86 -4.80
CA LYS A 313 -1.93 9.30 -4.70
C LYS A 313 -2.04 9.73 -3.24
N SER A 314 -3.09 9.28 -2.55
CA SER A 314 -3.27 9.60 -1.14
C SER A 314 -2.10 9.11 -0.32
N ILE A 315 -1.48 7.99 -0.73
CA ILE A 315 -0.39 7.49 0.10
C ILE A 315 0.85 8.33 -0.13
N THR A 316 1.14 8.67 -1.40
CA THR A 316 2.30 9.51 -1.67
C THR A 316 2.15 10.87 -0.99
N TYR A 317 0.90 11.37 -0.90
CA TYR A 317 0.65 12.61 -0.18
C TYR A 317 0.95 12.44 1.31
N ALA A 318 0.60 11.28 1.86
CA ALA A 318 0.84 11.02 3.27
C ALA A 318 2.33 10.87 3.57
N ILE A 319 3.08 10.29 2.62
CA ILE A 319 4.52 10.11 2.78
C ILE A 319 5.26 11.44 2.77
N ILE A 320 4.85 12.37 1.90
CA ILE A 320 5.52 13.66 1.85
C ILE A 320 5.31 14.42 3.15
N ALA A 321 4.08 14.44 3.65
CA ALA A 321 3.79 15.17 4.89
C ALA A 321 4.37 14.46 6.10
N SER A 322 4.66 13.16 5.99
CA SER A 322 5.16 12.40 7.12
C SER A 322 6.66 12.60 7.23
N VAL A 323 7.34 12.62 6.08
CA VAL A 323 8.78 12.78 6.10
C VAL A 323 9.09 14.23 6.45
N MET A 324 8.34 15.19 5.87
CA MET A 324 8.61 16.59 6.18
C MET A 324 8.37 16.87 7.67
N LEU A 325 7.23 16.42 8.22
CA LEU A 325 7.01 16.61 9.65
C LEU A 325 8.06 15.90 10.50
N ALA A 326 8.58 14.77 10.03
CA ALA A 326 9.64 14.08 10.77
C ALA A 326 10.90 14.90 10.79
N ALA A 327 11.28 15.48 9.65
CA ALA A 327 12.47 16.31 9.61
C ALA A 327 12.29 17.57 10.48
N ILE A 328 11.10 18.18 10.45
CA ILE A 328 10.89 19.37 11.26
C ILE A 328 11.04 19.04 12.75
N LEU A 329 10.40 17.96 13.23
CA LEU A 329 10.62 17.63 14.64
C LEU A 329 12.05 17.24 14.92
N SER A 330 12.74 16.65 13.94
CA SER A 330 14.12 16.23 14.16
C SER A 330 15.03 17.43 14.37
N ILE A 331 14.84 18.49 13.58
CA ILE A 331 15.71 19.66 13.63
C ILE A 331 15.11 20.79 14.47
N THR A 332 14.03 20.53 15.22
CA THR A 332 13.49 21.60 16.06
C THR A 332 13.34 21.24 17.53
N VAL A 333 12.26 20.54 17.87
CA VAL A 333 11.98 20.15 19.26
C VAL A 333 13.09 19.28 19.83
N LEU A 334 13.46 18.22 19.11
CA LEU A 334 14.46 17.27 19.62
C LEU A 334 15.82 17.92 19.83
N ALA A 335 16.34 18.62 18.81
CA ALA A 335 17.65 19.26 18.94
C ALA A 335 17.68 20.26 20.09
N ALA A 336 16.63 21.07 20.24
CA ALA A 336 16.60 22.01 21.34
C ALA A 336 16.60 21.31 22.70
N ALA A 337 15.74 20.30 22.86
CA ALA A 337 15.71 19.55 24.12
C ALA A 337 17.08 18.97 24.48
N LEU A 338 17.72 18.30 23.52
CA LEU A 338 19.07 17.77 23.76
C LEU A 338 20.08 18.87 24.09
N ALA A 339 19.86 20.08 23.56
CA ALA A 339 20.74 21.22 23.82
C ALA A 339 20.68 21.78 25.24
N ILE A 340 19.54 21.74 25.93
CA ILE A 340 19.53 22.31 27.28
C ILE A 340 20.18 21.39 28.30
N LEU A 341 19.77 20.13 28.39
CA LEU A 341 20.35 19.24 29.40
C LEU A 341 21.79 18.86 29.05
N GLY A 342 22.00 18.44 27.82
CA GLY A 342 23.27 17.99 27.29
C GLY A 342 23.67 16.64 27.85
N PRO A 343 24.94 16.48 28.27
CA PRO A 343 25.33 15.17 28.78
C PRO A 343 24.79 14.86 30.17
N ARG A 344 24.15 15.82 30.84
CA ARG A 344 23.64 15.40 32.12
C ARG A 344 22.30 14.73 31.95
N VAL A 345 21.94 14.43 30.70
CA VAL A 345 20.77 13.60 30.46
C VAL A 345 21.12 12.15 30.75
N ASP A 346 22.42 11.85 30.89
CA ASP A 346 22.91 10.51 31.20
C ASP A 346 23.55 10.39 32.58
N ALA A 347 22.96 10.99 33.60
CA ALA A 347 23.65 11.11 34.89
C ALA A 347 23.20 10.04 35.89
N LEU A 348 21.89 9.90 36.13
CA LEU A 348 21.46 9.01 37.21
C LEU A 348 21.73 7.56 36.88
N GLY A 349 21.04 7.02 35.88
CA GLY A 349 21.14 5.61 35.54
C GLY A 349 20.17 4.72 36.29
N VAL A 350 20.27 3.43 36.00
CA VAL A 350 19.38 2.43 36.57
C VAL A 350 19.77 2.18 38.02
N THR A 351 19.48 3.14 38.90
CA THR A 351 19.82 2.99 40.31
C THR A 351 19.17 1.74 40.92
N THR A 352 17.97 1.38 40.46
CA THR A 352 17.29 0.19 40.96
C THR A 352 16.33 -0.36 39.91
N ARG A 382 33.52 -4.62 22.94
CA ARG A 382 33.56 -5.59 21.86
C ARG A 382 33.19 -4.95 20.53
N GLU A 383 32.61 -3.75 20.60
CA GLU A 383 32.31 -3.00 19.38
C GLU A 383 33.58 -2.66 18.61
N GLU A 384 34.73 -2.54 19.30
CA GLU A 384 35.95 -2.28 18.56
C GLU A 384 36.56 -3.55 18.03
N VAL A 385 36.27 -4.69 18.63
CA VAL A 385 36.85 -5.93 18.12
C VAL A 385 36.14 -6.29 16.82
N GLU A 386 34.83 -6.07 16.80
CA GLU A 386 34.07 -6.28 15.57
C GLU A 386 34.45 -5.24 14.53
N ARG A 387 34.60 -3.98 14.93
CA ARG A 387 35.02 -2.97 13.96
C ARG A 387 36.39 -3.29 13.35
N GLY A 388 37.26 -3.94 14.13
CA GLY A 388 38.53 -4.38 13.56
C GLY A 388 38.37 -5.58 12.65
N PHE A 389 37.43 -6.47 12.99
CA PHE A 389 37.17 -7.58 12.07
C PHE A 389 36.60 -7.06 10.76
N TRP A 390 35.80 -6.00 10.82
CA TRP A 390 35.27 -5.38 9.60
C TRP A 390 36.39 -4.73 8.80
N GLY A 391 37.37 -4.13 9.48
CA GLY A 391 38.49 -3.56 8.73
C GLY A 391 39.34 -4.63 8.09
N ARG A 392 39.59 -5.73 8.80
CA ARG A 392 40.41 -6.77 8.22
C ARG A 392 39.66 -7.44 7.07
N LEU A 393 38.33 -7.47 7.14
CA LEU A 393 37.57 -8.11 6.07
C LEU A 393 37.51 -7.21 4.86
N VAL A 394 37.35 -5.89 5.06
CA VAL A 394 37.33 -5.00 3.91
C VAL A 394 38.69 -5.04 3.22
N ASN A 395 39.78 -5.12 4.01
CA ASN A 395 41.11 -5.22 3.40
C ASN A 395 41.27 -6.54 2.64
N VAL A 396 40.61 -7.61 3.10
CA VAL A 396 40.65 -8.88 2.38
C VAL A 396 39.85 -8.79 1.09
N VAL A 397 38.73 -8.07 1.11
CA VAL A 397 37.91 -7.94 -0.08
C VAL A 397 38.65 -7.11 -1.13
N MET A 398 39.10 -5.92 -0.75
CA MET A 398 39.86 -5.10 -1.70
C MET A 398 41.13 -5.81 -2.15
N LYS A 399 41.64 -6.71 -1.31
CA LYS A 399 42.85 -7.46 -1.64
C LYS A 399 42.61 -8.53 -2.70
N ARG A 400 41.43 -9.15 -2.70
CA ARG A 400 41.06 -10.17 -3.68
C ARG A 400 39.65 -9.94 -4.22
N PRO A 401 39.46 -8.84 -4.96
CA PRO A 401 38.10 -8.41 -5.34
C PRO A 401 37.38 -9.36 -6.28
N ILE A 402 38.06 -9.91 -7.29
CA ILE A 402 37.42 -10.80 -8.27
C ILE A 402 36.73 -11.98 -7.60
N ALA A 403 37.22 -12.40 -6.43
CA ALA A 403 36.62 -13.51 -5.70
C ALA A 403 35.21 -13.16 -5.22
N PHE A 404 34.88 -11.87 -5.26
CA PHE A 404 33.62 -11.27 -4.90
C PHE A 404 32.84 -10.84 -6.14
N ALA A 405 33.53 -10.20 -7.09
CA ALA A 405 32.86 -9.71 -8.29
C ALA A 405 32.28 -10.86 -9.10
N ALA A 406 33.01 -11.97 -9.22
CA ALA A 406 32.51 -13.10 -10.02
C ALA A 406 31.18 -13.61 -9.47
N PRO A 407 31.09 -14.08 -8.21
CA PRO A 407 29.79 -14.61 -7.74
C PRO A 407 28.67 -13.60 -7.78
N ILE A 408 28.92 -12.32 -7.46
CA ILE A 408 27.83 -11.34 -7.46
C ILE A 408 27.23 -11.24 -8.86
N LEU A 409 28.07 -10.97 -9.87
CA LEU A 409 27.53 -10.77 -11.22
C LEU A 409 26.94 -12.05 -11.80
N VAL A 410 27.35 -13.22 -11.30
CA VAL A 410 26.71 -14.43 -11.82
C VAL A 410 25.37 -14.64 -11.14
N VAL A 411 25.29 -14.21 -9.89
CA VAL A 411 24.05 -14.25 -9.16
C VAL A 411 23.08 -13.33 -9.92
N MET A 412 23.59 -12.28 -10.54
CA MET A 412 22.73 -11.32 -11.24
C MET A 412 21.85 -11.87 -12.37
N VAL A 413 22.38 -12.75 -13.21
CA VAL A 413 21.58 -13.29 -14.31
C VAL A 413 20.28 -13.98 -13.88
N LEU A 414 20.35 -14.76 -12.81
CA LEU A 414 19.21 -15.54 -12.30
C LEU A 414 18.08 -14.73 -11.68
N LEU A 415 18.37 -13.48 -11.31
CA LEU A 415 17.38 -12.61 -10.70
C LEU A 415 16.22 -12.29 -11.63
N ILE A 416 16.54 -12.04 -12.89
CA ILE A 416 15.52 -11.69 -13.88
C ILE A 416 14.92 -12.91 -14.59
N ILE A 417 15.43 -14.09 -14.27
CA ILE A 417 14.93 -15.28 -14.93
C ILE A 417 13.46 -15.46 -14.61
N PRO A 418 13.13 -15.33 -13.32
CA PRO A 418 11.80 -15.45 -12.73
C PRO A 418 10.88 -14.25 -13.02
N LEU A 419 11.46 -13.09 -13.32
CA LEU A 419 10.71 -11.84 -13.51
C LEU A 419 9.75 -11.90 -14.68
N GLY A 420 10.16 -12.62 -15.73
CA GLY A 420 9.38 -12.80 -16.95
C GLY A 420 8.05 -13.53 -16.77
N GLN A 421 7.99 -14.38 -15.74
CA GLN A 421 6.82 -15.18 -15.36
C GLN A 421 5.58 -14.37 -14.97
N LEU A 422 5.75 -13.12 -14.55
CA LEU A 422 4.64 -12.32 -14.07
C LEU A 422 3.39 -12.08 -14.93
N SER A 423 2.32 -12.24 -14.16
CA SER A 423 0.87 -12.13 -14.33
C SER A 423 0.29 -11.08 -13.40
N LEU A 424 -0.78 -10.43 -13.85
CA LEU A 424 -1.43 -9.32 -13.16
C LEU A 424 -2.92 -9.60 -13.05
N GLY A 425 -3.49 -9.39 -11.87
CA GLY A 425 -4.91 -9.67 -11.72
C GLY A 425 -5.68 -8.67 -10.87
N GLY A 426 -6.83 -9.09 -10.33
CA GLY A 426 -7.67 -8.21 -9.54
C GLY A 426 -8.09 -8.84 -8.21
N ILE A 427 -8.85 -8.04 -7.46
CA ILE A 427 -9.30 -8.46 -6.13
C ILE A 427 -10.31 -9.60 -6.28
N SER A 428 -10.38 -10.45 -5.26
CA SER A 428 -11.32 -11.57 -5.20
C SER A 428 -11.27 -12.15 -3.79
N GLU A 429 -12.16 -13.10 -3.52
CA GLU A 429 -12.23 -13.77 -2.21
C GLU A 429 -10.97 -14.57 -1.87
N LYS A 430 -10.04 -14.75 -2.80
CA LYS A 430 -8.78 -15.45 -2.51
C LYS A 430 -7.82 -14.62 -1.70
N TYR A 431 -8.07 -13.31 -1.58
CA TYR A 431 -7.33 -12.32 -0.81
C TYR A 431 -7.40 -12.50 0.70
N LEU A 432 -8.05 -13.52 1.25
CA LEU A 432 -8.06 -13.69 2.69
C LEU A 432 -7.35 -14.98 3.11
N PRO A 433 -6.92 -15.08 4.37
CA PRO A 433 -6.23 -16.29 4.80
C PRO A 433 -7.12 -17.51 4.68
N PRO A 434 -6.55 -18.68 4.39
CA PRO A 434 -7.37 -19.89 4.20
C PRO A 434 -8.16 -20.36 5.42
N ASP A 435 -7.87 -19.91 6.64
CA ASP A 435 -8.65 -20.33 7.79
C ASP A 435 -9.78 -19.38 8.18
N ASN A 436 -10.13 -18.44 7.31
CA ASN A 436 -11.22 -17.52 7.60
C ASN A 436 -12.57 -18.16 7.30
N ALA A 437 -13.47 -18.10 8.28
CA ALA A 437 -14.78 -18.74 8.18
C ALA A 437 -15.57 -18.26 6.96
N VAL A 438 -15.60 -16.95 6.74
CA VAL A 438 -16.35 -16.37 5.62
C VAL A 438 -15.91 -16.96 4.28
N ARG A 439 -14.60 -17.11 4.03
CA ARG A 439 -14.19 -17.69 2.76
C ARG A 439 -14.71 -19.11 2.57
N GLN A 440 -14.66 -19.94 3.62
CA GLN A 440 -15.15 -21.30 3.42
C GLN A 440 -16.65 -21.30 3.21
N SER A 441 -17.38 -20.45 3.93
CA SER A 441 -18.82 -20.32 3.71
C SER A 441 -19.11 -19.90 2.26
N GLN A 442 -18.32 -18.98 1.73
CA GLN A 442 -18.45 -18.54 0.34
C GLN A 442 -18.14 -19.67 -0.63
N GLU A 443 -17.02 -20.37 -0.43
CA GLU A 443 -16.67 -21.47 -1.33
C GLU A 443 -17.75 -22.55 -1.31
N GLN A 444 -18.35 -22.79 -0.14
CA GLN A 444 -19.45 -23.75 -0.09
C GLN A 444 -20.63 -23.24 -0.91
N PHE A 445 -20.95 -21.95 -0.77
CA PHE A 445 -22.04 -21.40 -1.58
C PHE A 445 -21.72 -21.50 -3.07
N ASP A 446 -20.45 -21.30 -3.43
CA ASP A 446 -20.03 -21.29 -4.84
C ASP A 446 -19.94 -22.69 -5.44
N LYS A 447 -19.94 -23.72 -4.61
CA LYS A 447 -19.96 -25.09 -5.12
C LYS A 447 -21.34 -25.73 -5.01
N LEU A 448 -22.14 -25.31 -4.04
CA LEU A 448 -23.50 -25.81 -3.91
C LEU A 448 -24.43 -25.18 -4.94
N PHE A 449 -24.22 -23.91 -5.27
CA PHE A 449 -25.10 -23.18 -6.19
C PHE A 449 -24.28 -22.52 -7.30
N PRO A 450 -23.65 -23.31 -8.15
CA PRO A 450 -22.91 -22.72 -9.29
C PRO A 450 -23.85 -22.02 -10.25
N GLY A 451 -23.33 -20.96 -10.89
CA GLY A 451 -24.10 -20.20 -11.86
C GLY A 451 -24.67 -18.89 -11.36
N PHE A 452 -24.87 -18.74 -10.05
CA PHE A 452 -25.40 -17.49 -9.51
C PHE A 452 -24.36 -16.38 -9.47
N ARG A 453 -23.10 -16.72 -9.23
CA ARG A 453 -22.03 -15.73 -9.17
C ARG A 453 -21.48 -15.54 -10.58
N THR A 454 -21.50 -14.29 -11.06
CA THR A 454 -21.06 -13.97 -12.41
C THR A 454 -20.45 -12.57 -12.42
N GLU A 455 -19.47 -12.40 -13.31
CA GLU A 455 -18.81 -11.12 -13.59
C GLU A 455 -19.01 -10.81 -15.06
N PRO A 456 -20.15 -10.25 -15.44
CA PRO A 456 -20.49 -10.07 -16.84
C PRO A 456 -20.00 -8.75 -17.42
N LEU A 457 -19.70 -8.80 -18.72
CA LEU A 457 -19.41 -7.61 -19.51
C LEU A 457 -20.69 -6.93 -19.96
N THR A 458 -20.72 -5.61 -19.81
CA THR A 458 -21.91 -4.79 -20.06
C THR A 458 -21.78 -4.03 -21.36
N LEU A 459 -22.88 -3.96 -22.10
CA LEU A 459 -23.03 -3.21 -23.35
C LEU A 459 -24.04 -2.08 -23.11
N VAL A 460 -23.52 -0.93 -22.70
CA VAL A 460 -24.34 0.25 -22.40
C VAL A 460 -24.62 0.96 -23.72
N MET A 461 -25.89 1.10 -24.05
CA MET A 461 -26.32 1.70 -25.31
C MET A 461 -26.93 3.07 -25.09
N LYS A 462 -26.41 4.08 -25.82
CA LYS A 462 -26.90 5.45 -25.71
C LYS A 462 -27.04 6.10 -27.08
N ARG A 463 -28.19 6.73 -27.32
CA ARG A 463 -28.46 7.47 -28.55
C ARG A 463 -28.32 8.95 -28.25
N GLU A 464 -27.68 9.68 -29.17
CA GLU A 464 -27.57 11.13 -28.95
C GLU A 464 -28.82 11.91 -29.35
N ASP A 465 -29.73 11.33 -30.15
CA ASP A 465 -30.97 12.04 -30.41
C ASP A 465 -31.87 12.14 -29.18
N GLY A 466 -31.65 11.31 -28.16
CA GLY A 466 -32.56 11.19 -27.04
C GLY A 466 -33.87 10.46 -27.32
N GLU A 467 -34.19 10.19 -28.59
CA GLU A 467 -35.43 9.51 -28.94
C GLU A 467 -35.31 8.03 -28.54
N PRO A 468 -36.44 7.33 -28.36
CA PRO A 468 -36.40 5.90 -27.99
C PRO A 468 -35.72 5.00 -29.02
N ILE A 469 -35.24 3.86 -28.53
CA ILE A 469 -34.61 2.87 -29.39
C ILE A 469 -35.64 1.86 -29.87
N THR A 470 -35.66 1.64 -31.19
CA THR A 470 -36.65 0.77 -31.80
C THR A 470 -36.35 -0.69 -31.44
N ASP A 471 -37.40 -1.52 -31.47
CA ASP A 471 -37.20 -2.96 -31.25
C ASP A 471 -36.26 -3.56 -32.29
N ALA A 472 -36.33 -3.06 -33.53
CA ALA A 472 -35.44 -3.59 -34.57
C ALA A 472 -33.99 -3.23 -34.29
N GLN A 473 -33.75 -2.01 -33.78
CA GLN A 473 -32.38 -1.64 -33.42
C GLN A 473 -31.81 -2.57 -32.36
N ILE A 474 -32.68 -3.10 -31.50
CA ILE A 474 -32.26 -4.02 -30.46
C ILE A 474 -31.98 -5.39 -31.05
N ALA A 475 -32.90 -5.93 -31.84
CA ALA A 475 -32.63 -7.23 -32.46
C ALA A 475 -31.40 -7.18 -33.35
N ASP A 476 -31.12 -6.02 -33.95
CA ASP A 476 -29.92 -5.84 -34.77
C ASP A 476 -28.65 -5.83 -33.91
N MET A 477 -28.65 -5.06 -32.82
CA MET A 477 -27.50 -5.09 -31.92
C MET A 477 -27.29 -6.48 -31.35
N ARG A 478 -28.37 -7.18 -30.99
CA ARG A 478 -28.18 -8.52 -30.47
C ARG A 478 -27.63 -9.46 -31.54
N ALA A 479 -28.11 -9.34 -32.78
CA ALA A 479 -27.57 -10.19 -33.84
C ALA A 479 -26.08 -9.93 -34.09
N LYS A 480 -25.63 -8.67 -33.90
CA LYS A 480 -24.21 -8.45 -34.10
C LYS A 480 -23.41 -8.93 -32.90
N ALA A 481 -23.99 -8.86 -31.70
CA ALA A 481 -23.27 -9.39 -30.54
C ALA A 481 -23.25 -10.91 -30.60
N LEU A 482 -24.20 -11.50 -31.32
CA LEU A 482 -24.29 -12.94 -31.53
C LEU A 482 -23.39 -13.40 -32.67
N THR A 483 -22.92 -12.47 -33.51
CA THR A 483 -21.94 -12.87 -34.52
C THR A 483 -20.55 -13.15 -33.95
N VAL A 484 -20.31 -13.02 -32.65
CA VAL A 484 -19.01 -13.30 -32.06
C VAL A 484 -19.15 -14.52 -31.14
N SER A 485 -18.45 -15.59 -31.47
CA SER A 485 -18.49 -16.82 -30.70
C SER A 485 -17.68 -16.69 -29.41
N GLY A 486 -17.78 -17.72 -28.57
CA GLY A 486 -17.01 -17.78 -27.34
C GLY A 486 -17.63 -17.08 -26.15
N PHE A 487 -18.92 -16.80 -26.20
CA PHE A 487 -19.64 -16.15 -25.10
C PHE A 487 -20.58 -17.16 -24.45
N THR A 488 -20.70 -17.09 -23.12
CA THR A 488 -21.44 -18.07 -22.38
C THR A 488 -22.91 -18.12 -22.82
N ASP A 489 -23.49 -19.32 -22.71
CA ASP A 489 -24.88 -19.57 -23.06
C ASP A 489 -25.41 -20.69 -22.18
N PRO A 490 -25.55 -20.43 -20.88
CA PRO A 490 -25.96 -21.52 -19.96
C PRO A 490 -27.33 -22.09 -20.26
N ASP A 491 -28.24 -21.34 -20.89
CA ASP A 491 -29.55 -21.89 -21.18
C ASP A 491 -29.54 -22.76 -22.42
N ASN A 492 -28.51 -22.64 -23.26
CA ASN A 492 -28.41 -23.32 -24.56
C ASN A 492 -29.46 -22.83 -25.54
N ASP A 493 -29.50 -21.50 -25.76
CA ASP A 493 -30.45 -20.86 -26.64
C ASP A 493 -30.08 -19.40 -26.88
N PRO A 494 -29.81 -19.00 -28.12
CA PRO A 494 -29.45 -17.59 -28.36
C PRO A 494 -30.61 -16.62 -28.21
N GLU A 495 -31.86 -17.08 -28.38
CA GLU A 495 -33.01 -16.20 -28.19
C GLU A 495 -33.06 -15.61 -26.78
N LYS A 496 -32.62 -16.36 -25.78
CA LYS A 496 -32.62 -15.91 -24.39
C LYS A 496 -31.35 -15.18 -23.99
N MET A 497 -30.38 -15.09 -24.89
CA MET A 497 -29.13 -14.41 -24.61
C MET A 497 -29.27 -12.89 -24.78
N TRP A 498 -28.41 -12.16 -24.07
CA TRP A 498 -28.38 -10.69 -24.08
C TRP A 498 -29.71 -10.09 -23.62
N LYS A 499 -30.19 -10.56 -22.46
CA LYS A 499 -31.42 -10.01 -21.92
C LYS A 499 -31.23 -8.55 -21.50
N GLU A 500 -32.33 -7.84 -21.33
CA GLU A 500 -32.28 -6.47 -20.84
C GLU A 500 -32.07 -6.46 -19.33
N ARG A 501 -31.35 -5.48 -18.83
CA ARG A 501 -31.13 -5.43 -17.41
C ARG A 501 -32.46 -5.10 -16.72
N PRO A 502 -32.69 -5.68 -15.54
CA PRO A 502 -33.90 -5.34 -14.77
C PRO A 502 -33.89 -3.87 -14.36
N ALA A 503 -35.09 -3.29 -14.27
CA ALA A 503 -35.27 -1.89 -13.90
C ALA A 503 -35.78 -1.83 -12.47
N ASN A 504 -34.94 -1.32 -11.56
CA ASN A 504 -35.38 -1.14 -10.19
C ASN A 504 -36.25 0.11 -10.06
N ASP A 505 -36.97 0.19 -8.94
CA ASP A 505 -37.92 1.27 -8.71
C ASP A 505 -37.27 2.54 -8.21
N SER A 506 -35.94 2.66 -8.28
CA SER A 506 -35.24 3.86 -7.84
C SER A 506 -34.37 4.45 -8.93
N GLY A 507 -34.51 4.00 -10.17
CA GLY A 507 -33.75 4.51 -11.30
C GLY A 507 -34.62 5.39 -12.18
N SER A 508 -34.05 6.50 -12.64
CA SER A 508 -34.73 7.33 -13.63
C SER A 508 -34.70 6.61 -14.97
N LYS A 509 -35.70 5.75 -15.20
CA LYS A 509 -35.86 5.09 -16.49
C LYS A 509 -35.84 6.09 -17.64
N ASP A 510 -34.90 5.89 -18.56
CA ASP A 510 -34.76 6.74 -19.74
C ASP A 510 -34.66 5.84 -20.96
N PRO A 511 -35.64 5.87 -21.86
CA PRO A 511 -35.51 5.09 -23.11
C PRO A 511 -34.30 5.46 -23.95
N SER A 512 -33.62 6.57 -23.63
CA SER A 512 -32.41 6.95 -24.34
C SER A 512 -31.23 6.04 -24.01
N VAL A 513 -31.28 5.29 -22.91
CA VAL A 513 -30.19 4.42 -22.50
C VAL A 513 -30.74 3.04 -22.18
N ARG A 514 -30.04 2.00 -22.63
CA ARG A 514 -30.42 0.62 -22.37
C ARG A 514 -29.15 -0.22 -22.32
N VAL A 515 -29.09 -1.20 -21.43
CA VAL A 515 -27.86 -1.96 -21.25
C VAL A 515 -28.18 -3.45 -21.26
N ILE A 516 -27.33 -4.21 -21.95
CA ILE A 516 -27.41 -5.66 -21.93
C ILE A 516 -26.06 -6.24 -21.50
N GLN A 517 -26.07 -7.39 -20.83
CA GLN A 517 -24.83 -7.89 -20.25
C GLN A 517 -24.74 -9.40 -20.39
N ASN A 518 -23.52 -9.91 -20.23
CA ASN A 518 -23.31 -11.35 -20.32
C ASN A 518 -21.87 -11.72 -19.91
N GLY A 519 -21.75 -12.78 -19.12
CA GLY A 519 -20.46 -13.22 -18.60
C GLY A 519 -19.67 -14.02 -19.62
N LEU A 520 -18.45 -14.37 -19.22
CA LEU A 520 -17.52 -15.14 -20.04
C LEU A 520 -17.40 -16.57 -19.52
N GLU A 521 -17.13 -17.52 -20.43
CA GLU A 521 -16.90 -18.89 -20.00
C GLU A 521 -15.53 -19.07 -19.37
N ASN A 522 -14.52 -18.33 -19.82
CA ASN A 522 -13.19 -18.34 -19.25
C ASN A 522 -12.76 -16.89 -19.16
N ARG A 523 -12.43 -16.44 -17.95
CA ARG A 523 -12.05 -15.05 -17.74
C ARG A 523 -10.73 -14.71 -18.43
N ASN A 524 -10.07 -15.73 -18.98
CA ASN A 524 -8.81 -15.51 -19.66
C ASN A 524 -9.01 -15.07 -21.12
N ASP A 525 -10.19 -15.34 -21.66
CA ASP A 525 -10.46 -14.98 -23.04
C ASP A 525 -11.04 -13.60 -23.04
N ALA A 526 -11.11 -13.06 -21.84
CA ALA A 526 -11.61 -11.74 -21.62
C ALA A 526 -10.77 -10.82 -22.44
N ALA A 527 -9.44 -10.92 -22.27
CA ALA A 527 -8.57 -10.01 -23.01
C ALA A 527 -8.79 -10.15 -24.50
N LYS A 528 -8.95 -11.38 -24.98
CA LYS A 528 -9.11 -11.55 -26.42
C LYS A 528 -10.47 -11.00 -26.82
N LYS A 529 -11.49 -11.38 -26.05
CA LYS A 529 -12.84 -10.99 -26.41
C LYS A 529 -13.02 -9.51 -26.15
N ILE A 530 -12.25 -8.96 -25.20
CA ILE A 530 -12.39 -7.52 -24.96
C ILE A 530 -12.02 -6.77 -26.24
N ASP A 531 -10.95 -7.18 -26.91
CA ASP A 531 -10.57 -6.48 -28.13
C ASP A 531 -11.63 -6.69 -29.21
N GLU A 532 -12.30 -7.85 -29.16
CA GLU A 532 -13.39 -8.09 -30.10
C GLU A 532 -14.61 -7.23 -29.80
N LEU A 533 -14.88 -6.95 -28.52
CA LEU A 533 -16.03 -6.10 -28.19
C LEU A 533 -15.79 -4.63 -28.53
N ARG A 534 -14.60 -4.12 -28.26
CA ARG A 534 -14.29 -2.73 -28.59
C ARG A 534 -14.26 -2.47 -30.09
N ALA A 535 -13.95 -3.50 -30.88
CA ALA A 535 -13.84 -3.34 -32.32
C ALA A 535 -15.19 -3.34 -33.06
N LEU A 536 -16.30 -3.55 -32.36
CA LEU A 536 -17.55 -3.55 -33.10
C LEU A 536 -18.03 -2.15 -33.45
N GLN A 537 -18.50 -2.00 -34.69
CA GLN A 537 -19.09 -0.81 -35.29
C GLN A 537 -20.59 -0.74 -35.03
N PRO A 538 -21.06 0.16 -34.16
CA PRO A 538 -22.48 0.16 -33.86
C PRO A 538 -23.26 0.80 -35.00
N PRO A 539 -24.59 0.89 -34.90
CA PRO A 539 -25.36 1.60 -35.92
C PRO A 539 -24.91 3.05 -36.08
N HIS A 540 -25.42 3.71 -37.12
CA HIS A 540 -24.97 5.06 -37.50
C HIS A 540 -25.07 6.05 -36.35
N GLY A 541 -26.29 6.41 -35.96
CA GLY A 541 -26.46 7.53 -35.04
C GLY A 541 -26.29 7.18 -33.58
N ILE A 542 -26.22 5.90 -33.24
CA ILE A 542 -26.19 5.46 -31.85
C ILE A 542 -24.76 5.10 -31.45
N GLU A 543 -24.41 5.28 -30.17
CA GLU A 543 -23.11 4.87 -29.64
C GLU A 543 -23.17 3.82 -28.53
N VAL A 544 -22.21 2.89 -28.55
CA VAL A 544 -22.16 1.74 -27.65
C VAL A 544 -20.95 1.94 -26.75
N PHE A 545 -21.11 1.65 -25.45
CA PHE A 545 -20.02 1.68 -24.49
C PHE A 545 -19.80 0.29 -23.89
N VAL A 546 -18.57 -0.20 -23.96
CA VAL A 546 -18.24 -1.52 -23.42
C VAL A 546 -17.73 -1.36 -21.99
N GLY A 547 -18.42 -1.96 -21.03
CA GLY A 547 -18.05 -1.85 -19.63
C GLY A 547 -18.02 -3.16 -18.88
N GLY A 548 -17.97 -3.08 -17.56
CA GLY A 548 -17.85 -4.21 -16.67
C GLY A 548 -16.49 -4.28 -16.01
N THR A 549 -16.47 -4.88 -14.81
CA THR A 549 -15.23 -5.01 -14.03
C THR A 549 -14.05 -5.62 -14.78
N PRO A 550 -14.19 -6.64 -15.64
CA PRO A 550 -13.03 -7.09 -16.42
C PRO A 550 -12.43 -6.00 -17.30
N ALA A 551 -13.24 -5.10 -17.84
CA ALA A 551 -12.70 -4.05 -18.69
C ALA A 551 -11.98 -2.98 -17.87
N LEU A 552 -12.52 -2.58 -16.72
CA LEU A 552 -11.78 -1.61 -15.90
C LEU A 552 -10.42 -2.17 -15.49
N GLU A 553 -10.37 -3.46 -15.12
CA GLU A 553 -9.10 -4.04 -14.71
C GLU A 553 -8.13 -4.15 -15.88
N GLN A 554 -8.62 -4.56 -17.06
CA GLN A 554 -7.70 -4.72 -18.17
C GLN A 554 -7.29 -3.38 -18.76
N ASP A 555 -8.05 -2.33 -18.50
CA ASP A 555 -7.66 -1.02 -18.97
C ASP A 555 -6.69 -0.36 -18.02
N SER A 556 -6.83 -0.60 -16.71
CA SER A 556 -5.81 -0.10 -15.81
C SER A 556 -4.50 -0.86 -16.01
N ILE A 557 -4.58 -2.18 -16.24
CA ILE A 557 -3.38 -2.95 -16.57
C ILE A 557 -2.71 -2.40 -17.82
N HIS A 558 -3.50 -2.17 -18.89
CA HIS A 558 -2.91 -1.68 -20.13
C HIS A 558 -2.31 -0.30 -19.94
N SER A 559 -3.01 0.58 -19.21
CA SER A 559 -2.50 1.93 -19.04
C SER A 559 -1.22 1.92 -18.21
N LEU A 560 -1.10 0.97 -17.28
CA LEU A 560 0.09 0.91 -16.44
C LEU A 560 1.27 0.34 -17.23
N PHE A 561 1.05 -0.69 -18.04
CA PHE A 561 2.17 -1.22 -18.79
C PHE A 561 2.47 -0.38 -20.02
N ASP A 562 1.61 0.61 -20.28
CA ASP A 562 1.77 1.63 -21.31
C ASP A 562 2.58 2.82 -20.79
N LYS A 563 2.38 3.17 -19.51
CA LYS A 563 3.09 4.25 -18.85
C LYS A 563 4.24 3.80 -17.95
N LEU A 564 4.58 2.51 -17.97
CA LEU A 564 5.73 2.05 -17.18
C LEU A 564 7.06 2.56 -17.74
N PRO A 565 7.28 2.53 -19.07
CA PRO A 565 8.55 3.08 -19.59
C PRO A 565 8.77 4.54 -19.26
N LEU A 566 7.78 5.41 -19.51
CA LEU A 566 7.89 6.81 -19.14
C LEU A 566 8.15 7.00 -17.65
N MET A 567 7.50 6.17 -16.81
CA MET A 567 7.76 6.24 -15.37
C MET A 567 9.22 5.94 -15.05
N ALA A 568 9.75 4.85 -15.61
CA ALA A 568 11.15 4.52 -15.38
C ALA A 568 12.07 5.60 -15.91
N LEU A 569 11.71 6.18 -17.06
CA LEU A 569 12.48 7.26 -17.66
C LEU A 569 12.59 8.47 -16.72
N ILE A 570 11.45 8.97 -16.25
CA ILE A 570 11.49 10.09 -15.32
C ILE A 570 12.25 9.72 -14.06
N LEU A 571 12.05 8.49 -13.56
CA LEU A 571 12.73 8.09 -12.33
C LEU A 571 14.25 8.12 -12.51
N ILE A 572 14.72 7.66 -13.66
CA ILE A 572 16.16 7.54 -13.87
C ILE A 572 16.76 8.91 -14.12
N VAL A 573 16.13 9.72 -14.97
CA VAL A 573 16.76 11.00 -15.30
C VAL A 573 16.75 11.90 -14.07
N THR A 574 15.66 11.87 -13.30
CA THR A 574 15.58 12.72 -12.12
C THR A 574 16.60 12.30 -11.06
N THR A 575 16.70 10.99 -10.78
CA THR A 575 17.70 10.56 -9.81
C THR A 575 19.12 10.81 -10.31
N THR A 576 19.35 10.71 -11.63
CA THR A 576 20.70 10.92 -12.13
C THR A 576 21.09 12.38 -12.02
N VAL A 577 20.18 13.30 -12.36
CA VAL A 577 20.55 14.71 -12.24
C VAL A 577 20.73 15.08 -10.77
N LEU A 578 19.88 14.55 -9.88
CA LEU A 578 20.05 14.85 -8.47
C LEU A 578 21.40 14.36 -7.95
N MET A 579 21.83 13.16 -8.40
CA MET A 579 23.13 12.66 -7.97
C MET A 579 24.26 13.43 -8.65
N PHE A 580 24.01 13.96 -9.85
CA PHE A 580 24.93 14.84 -10.54
C PHE A 580 25.09 16.17 -9.83
N LEU A 581 24.11 16.52 -9.01
CA LEU A 581 24.18 17.73 -8.19
C LEU A 581 24.86 17.45 -6.85
N ALA A 582 24.50 16.35 -6.19
CA ALA A 582 25.19 15.95 -4.97
C ALA A 582 26.68 15.69 -5.22
N PHE A 583 26.99 14.77 -6.12
CA PHE A 583 28.35 14.59 -6.60
C PHE A 583 28.70 15.65 -7.64
N GLY A 584 29.98 15.67 -8.02
CA GLY A 584 30.47 16.55 -9.06
C GLY A 584 30.74 15.89 -10.39
N SER A 585 30.47 14.59 -10.51
CA SER A 585 30.81 13.82 -11.69
C SER A 585 29.56 13.55 -12.52
N VAL A 586 29.76 13.16 -13.78
CA VAL A 586 28.64 12.76 -14.61
C VAL A 586 28.58 11.25 -14.84
N VAL A 587 29.67 10.51 -14.63
CA VAL A 587 29.63 9.06 -14.83
C VAL A 587 29.16 8.34 -13.56
N LEU A 588 29.56 8.84 -12.38
CA LEU A 588 29.15 8.21 -11.14
C LEU A 588 27.63 8.16 -10.97
N PRO A 589 26.88 9.25 -11.20
CA PRO A 589 25.41 9.12 -11.07
C PRO A 589 24.79 8.10 -12.00
N ILE A 590 25.22 8.03 -13.27
CA ILE A 590 24.66 7.02 -14.17
C ILE A 590 25.06 5.62 -13.73
N LYS A 591 26.22 5.47 -13.08
CA LYS A 591 26.61 4.17 -12.57
C LYS A 591 25.73 3.77 -11.40
N ALA A 592 25.55 4.66 -10.44
CA ALA A 592 24.68 4.35 -9.31
C ALA A 592 23.28 4.06 -9.79
N ALA A 593 22.80 4.83 -10.78
CA ALA A 593 21.48 4.61 -11.36
C ALA A 593 21.35 3.18 -11.91
N LEU A 594 22.33 2.76 -12.72
CA LEU A 594 22.34 1.39 -13.24
C LEU A 594 22.38 0.34 -12.13
N MET A 595 23.20 0.54 -11.10
CA MET A 595 23.26 -0.43 -10.01
C MET A 595 21.99 -0.43 -9.16
N SER A 596 21.27 0.70 -9.11
CA SER A 596 20.00 0.75 -8.42
C SER A 596 18.90 0.10 -9.26
N ALA A 597 19.05 0.15 -10.58
CA ALA A 597 18.12 -0.54 -11.46
C ALA A 597 18.33 -2.04 -11.35
N LEU A 598 19.60 -2.46 -11.31
CA LEU A 598 19.92 -3.86 -11.08
C LEU A 598 19.31 -4.34 -9.76
N THR A 599 19.48 -3.57 -8.68
CA THR A 599 18.90 -3.96 -7.40
C THR A 599 17.37 -4.04 -7.49
N LEU A 600 16.75 -3.14 -8.25
CA LEU A 600 15.30 -3.16 -8.42
C LEU A 600 14.87 -4.44 -9.12
N GLY A 601 15.46 -4.70 -10.28
CA GLY A 601 15.12 -5.88 -11.03
C GLY A 601 15.33 -7.14 -10.20
N SER A 602 16.44 -7.20 -9.45
CA SER A 602 16.69 -8.35 -8.60
C SER A 602 15.65 -8.49 -7.49
N THR A 603 15.10 -7.37 -7.02
CA THR A 603 14.10 -7.47 -5.96
C THR A 603 12.78 -7.96 -6.52
N MET A 604 12.38 -7.46 -7.69
CA MET A 604 11.13 -7.95 -8.24
C MET A 604 11.29 -9.35 -8.80
N GLY A 605 12.52 -9.76 -9.15
CA GLY A 605 12.73 -11.12 -9.59
C GLY A 605 12.66 -12.11 -8.44
N ILE A 606 13.18 -11.72 -7.28
CA ILE A 606 13.06 -12.62 -6.14
C ILE A 606 11.60 -12.69 -5.70
N LEU A 607 10.90 -11.55 -5.73
CA LEU A 607 9.49 -11.57 -5.36
C LEU A 607 8.68 -12.45 -6.30
N THR A 608 8.90 -12.33 -7.62
CA THR A 608 8.20 -13.24 -8.53
C THR A 608 8.63 -14.69 -8.32
N TRP A 609 9.86 -14.92 -7.83
CA TRP A 609 10.38 -16.26 -7.63
C TRP A 609 9.84 -16.91 -6.37
N MET A 610 9.23 -16.15 -5.49
CA MET A 610 8.72 -16.70 -4.25
C MET A 610 7.22 -16.54 -4.11
N PHE A 611 6.62 -15.61 -4.86
CA PHE A 611 5.19 -15.37 -4.86
C PHE A 611 4.41 -15.84 -6.09
N VAL A 612 5.04 -16.11 -7.23
CA VAL A 612 4.29 -16.60 -8.39
C VAL A 612 4.40 -18.12 -8.54
N ASP A 613 5.56 -18.70 -8.31
CA ASP A 613 5.70 -20.15 -8.44
C ASP A 613 5.42 -20.89 -7.14
N GLY A 614 5.28 -20.18 -6.02
CA GLY A 614 4.81 -20.80 -4.80
C GLY A 614 5.84 -21.32 -3.83
N HIS A 615 7.13 -21.16 -4.14
CA HIS A 615 8.18 -21.67 -3.25
C HIS A 615 8.18 -20.83 -1.98
N GLY A 616 7.58 -21.37 -0.91
CA GLY A 616 7.43 -20.68 0.35
C GLY A 616 6.01 -20.30 0.72
N SER A 617 5.00 -20.82 0.03
CA SER A 617 3.61 -20.49 0.32
C SER A 617 3.06 -21.33 1.47
N GLY A 618 3.45 -22.61 1.52
CA GLY A 618 2.99 -23.51 2.57
C GLY A 618 3.52 -23.17 3.95
N LEU A 619 4.69 -22.54 4.01
CA LEU A 619 5.29 -22.20 5.31
C LEU A 619 4.69 -20.92 5.88
N MET A 620 4.64 -19.86 5.08
CA MET A 620 4.12 -18.59 5.58
C MET A 620 2.59 -18.51 5.53
N ASN A 621 1.92 -19.54 5.02
CA ASN A 621 0.45 -19.62 5.04
C ASN A 621 -0.18 -18.53 4.20
N TYR A 622 -0.18 -18.70 2.88
CA TYR A 622 -0.83 -17.77 1.97
C TYR A 622 -0.88 -18.40 0.58
N THR A 623 -1.79 -17.89 -0.25
CA THR A 623 -1.85 -18.53 -1.56
C THR A 623 -1.22 -17.63 -2.61
N PRO A 624 -0.29 -18.16 -3.41
CA PRO A 624 0.29 -17.37 -4.49
C PRO A 624 -0.72 -16.98 -5.57
N GLN A 625 -0.61 -15.74 -6.03
CA GLN A 625 -1.54 -15.15 -7.00
C GLN A 625 -0.90 -13.88 -7.56
N PRO A 626 -1.36 -13.41 -8.73
CA PRO A 626 -0.85 -12.15 -9.27
C PRO A 626 -1.04 -10.95 -8.34
N LEU A 627 -0.18 -9.96 -8.53
CA LEU A 627 -0.13 -8.76 -7.70
C LEU A 627 -0.87 -7.62 -8.40
N MET A 628 -1.22 -6.59 -7.63
CA MET A 628 -1.84 -5.40 -8.22
C MET A 628 -0.68 -4.51 -8.67
N ALA A 629 -0.55 -4.34 -9.98
CA ALA A 629 0.57 -3.60 -10.58
C ALA A 629 0.91 -2.26 -9.93
N PRO A 630 -0.02 -1.33 -9.69
CA PRO A 630 0.40 -0.07 -9.08
C PRO A 630 1.04 -0.25 -7.71
N MET A 631 0.85 -1.40 -7.06
CA MET A 631 1.50 -1.56 -5.77
C MET A 631 2.96 -1.92 -6.00
N ILE A 632 3.24 -2.50 -7.18
CA ILE A 632 4.62 -2.81 -7.54
C ILE A 632 5.29 -1.52 -7.97
N GLY A 633 4.52 -0.59 -8.51
CA GLY A 633 5.07 0.72 -8.81
C GLY A 633 5.43 1.46 -7.53
N LEU A 634 4.55 1.40 -6.53
CA LEU A 634 4.88 2.02 -5.26
C LEU A 634 6.12 1.37 -4.64
N ILE A 635 6.18 0.03 -4.61
CA ILE A 635 7.35 -0.61 -4.00
C ILE A 635 8.63 -0.29 -4.75
N ILE A 636 8.57 -0.11 -6.08
CA ILE A 636 9.79 0.27 -6.81
C ILE A 636 10.22 1.67 -6.40
N ALA A 637 9.25 2.60 -6.27
CA ALA A 637 9.64 3.96 -5.92
C ALA A 637 10.21 4.01 -4.52
N VAL A 638 9.60 3.28 -3.58
CA VAL A 638 10.07 3.33 -2.19
C VAL A 638 11.47 2.72 -2.09
N ILE A 639 11.67 1.53 -2.70
CA ILE A 639 12.97 0.87 -2.60
C ILE A 639 14.04 1.77 -3.25
N TRP A 640 13.72 2.36 -4.41
CA TRP A 640 14.69 3.20 -5.10
C TRP A 640 15.09 4.37 -4.22
N GLY A 641 14.11 5.14 -3.74
CA GLY A 641 14.41 6.27 -2.87
C GLY A 641 15.15 5.89 -1.59
N LEU A 642 14.84 4.72 -1.02
CA LEU A 642 15.50 4.30 0.21
C LEU A 642 16.96 3.92 -0.04
N SER A 643 17.21 3.13 -1.07
CA SER A 643 18.60 2.78 -1.36
C SER A 643 19.38 4.02 -1.75
N THR A 644 18.76 4.94 -2.47
CA THR A 644 19.45 6.17 -2.83
C THR A 644 19.75 7.02 -1.60
N ASP A 645 18.81 7.12 -0.64
CA ASP A 645 19.10 7.91 0.55
C ASP A 645 20.27 7.33 1.33
N TYR A 646 20.32 6.01 1.49
CA TYR A 646 21.47 5.46 2.20
C TYR A 646 22.76 5.53 1.39
N GLU A 647 22.65 5.59 0.06
CA GLU A 647 23.83 5.84 -0.74
C GLU A 647 24.29 7.29 -0.61
N VAL A 648 23.37 8.24 -0.47
CA VAL A 648 23.82 9.61 -0.32
C VAL A 648 24.44 9.79 1.05
N PHE A 649 23.85 9.19 2.10
CA PHE A 649 24.47 9.30 3.42
C PHE A 649 25.89 8.75 3.41
N LEU A 650 26.08 7.59 2.77
CA LEU A 650 27.39 6.96 2.83
C LEU A 650 28.37 7.70 1.94
N VAL A 651 28.10 7.76 0.64
CA VAL A 651 29.10 8.39 -0.20
C VAL A 651 29.24 9.86 0.19
N SER A 652 28.22 10.46 0.83
CA SER A 652 28.33 11.84 1.29
C SER A 652 29.39 11.96 2.36
N ARG A 653 29.55 10.92 3.17
CA ARG A 653 30.63 11.01 4.15
C ARG A 653 31.96 10.64 3.51
N MET A 654 31.93 9.72 2.55
CA MET A 654 33.15 9.38 1.83
C MET A 654 33.71 10.60 1.10
N VAL A 655 32.83 11.38 0.46
CA VAL A 655 33.25 12.58 -0.24
C VAL A 655 33.66 13.66 0.75
N GLU A 656 32.97 13.80 1.88
CA GLU A 656 33.38 14.82 2.84
C GLU A 656 34.80 14.57 3.33
N ALA A 657 35.11 13.30 3.62
CA ALA A 657 36.47 12.97 4.03
C ALA A 657 37.45 13.11 2.88
N ARG A 658 37.06 12.70 1.66
CA ARG A 658 37.96 12.90 0.53
C ARG A 658 38.25 14.38 0.31
N GLU A 659 37.22 15.23 0.44
CA GLU A 659 37.37 16.67 0.31
C GLU A 659 38.21 17.24 1.44
N ARG A 660 38.44 16.45 2.49
CA ARG A 660 39.30 16.89 3.58
C ARG A 660 40.75 16.51 3.34
N GLY A 661 41.06 15.98 2.16
CA GLY A 661 42.41 15.58 1.81
C GLY A 661 42.60 14.10 2.08
N MET A 662 43.82 13.70 2.45
CA MET A 662 44.17 12.32 2.72
C MET A 662 44.03 11.40 1.51
N SER A 663 44.67 10.23 1.60
CA SER A 663 44.67 9.23 0.54
C SER A 663 43.32 8.50 0.48
N THR A 664 43.16 7.72 -0.59
CA THR A 664 41.94 6.94 -0.80
C THR A 664 41.74 5.91 0.31
N ALA A 665 42.81 5.21 0.67
CA ALA A 665 42.71 4.21 1.74
C ALA A 665 42.37 4.84 3.07
N GLU A 666 42.82 6.07 3.31
CA GLU A 666 42.47 6.72 4.57
C GLU A 666 41.02 7.12 4.57
N ALA A 667 40.54 7.76 3.50
CA ALA A 667 39.13 8.12 3.41
C ALA A 667 38.23 6.89 3.55
N ILE A 668 38.58 5.79 2.88
CA ILE A 668 37.81 4.54 3.00
C ILE A 668 37.77 4.09 4.45
N ARG A 669 38.93 3.88 5.09
CA ARG A 669 38.97 3.40 6.47
C ARG A 669 38.16 4.31 7.40
N ILE A 670 38.37 5.62 7.30
CA ILE A 670 37.64 6.55 8.17
C ILE A 670 36.14 6.43 7.93
N GLY A 671 35.72 6.30 6.68
CA GLY A 671 34.30 6.14 6.41
C GLY A 671 33.70 4.88 7.02
N THR A 672 34.30 3.73 6.68
CA THR A 672 33.80 2.45 7.18
C THR A 672 34.24 2.19 8.61
N ALA A 673 34.63 3.23 9.30
CA ALA A 673 34.96 3.17 10.71
C ALA A 673 34.07 4.12 11.50
N THR A 674 33.84 5.33 10.98
CA THR A 674 32.89 6.25 11.58
C THR A 674 31.45 5.89 11.25
N THR A 675 31.18 4.80 10.53
CA THR A 675 29.78 4.50 10.26
C THR A 675 29.42 3.03 10.39
N GLY A 676 30.36 2.14 10.70
CA GLY A 676 30.04 0.73 10.82
C GLY A 676 29.02 0.48 11.93
N ARG A 677 29.17 1.21 13.05
CA ARG A 677 28.27 1.08 14.18
C ARG A 677 26.93 1.72 13.89
N LEU A 678 26.92 2.75 13.06
CA LEU A 678 25.67 3.41 12.72
C LEU A 678 24.85 2.53 11.79
N ILE A 679 25.43 2.12 10.65
CA ILE A 679 24.72 1.22 9.74
C ILE A 679 24.32 -0.09 10.44
N THR A 680 25.08 -0.54 11.45
CA THR A 680 24.67 -1.72 12.21
C THR A 680 23.44 -1.44 13.08
N GLY A 681 23.40 -0.28 13.72
CA GLY A 681 22.23 0.01 14.54
C GLY A 681 21.02 0.30 13.68
N ALA A 682 21.21 1.06 12.59
CA ALA A 682 20.11 1.29 11.65
C ALA A 682 19.61 -0.03 11.08
N ALA A 683 20.44 -1.07 11.08
CA ALA A 683 19.99 -2.35 10.58
C ALA A 683 19.22 -3.08 11.68
N LEU A 684 19.71 -3.00 12.92
CA LEU A 684 18.97 -3.63 14.01
C LEU A 684 17.56 -3.04 14.06
N ILE A 685 17.47 -1.71 13.93
CA ILE A 685 16.18 -1.01 13.94
C ILE A 685 15.31 -1.51 12.80
N LEU A 686 15.86 -1.54 11.58
CA LEU A 686 15.09 -2.04 10.46
C LEU A 686 14.65 -3.49 10.68
N ALA A 687 15.42 -4.26 11.46
CA ALA A 687 15.00 -5.64 11.69
C ALA A 687 13.90 -5.71 12.75
N VAL A 688 13.92 -4.83 13.75
CA VAL A 688 12.86 -4.81 14.75
C VAL A 688 11.55 -4.45 14.07
N VAL A 689 11.57 -3.37 13.30
CA VAL A 689 10.38 -2.93 12.57
C VAL A 689 9.96 -4.02 11.58
N ALA A 690 10.92 -4.70 10.96
CA ALA A 690 10.55 -5.81 10.08
C ALA A 690 9.87 -6.93 10.85
N GLY A 691 10.30 -7.21 12.09
CA GLY A 691 9.55 -8.19 12.85
C GLY A 691 8.17 -7.69 13.24
N ALA A 692 7.99 -6.38 13.20
CA ALA A 692 6.66 -5.86 13.51
C ALA A 692 5.82 -5.89 12.27
N PHE A 693 6.44 -6.00 11.11
CA PHE A 693 5.59 -6.12 9.96
C PHE A 693 5.39 -7.58 9.66
N VAL A 694 6.23 -8.46 10.23
CA VAL A 694 5.91 -9.86 10.06
C VAL A 694 4.73 -10.15 10.98
N PHE A 695 4.51 -9.27 11.97
CA PHE A 695 3.34 -9.34 12.84
C PHE A 695 2.23 -8.40 12.39
N SER A 696 2.39 -7.76 11.22
CA SER A 696 1.39 -6.81 10.72
C SER A 696 0.14 -7.46 10.17
N ASP A 697 0.12 -8.79 9.99
CA ASP A 697 -1.03 -9.51 9.46
C ASP A 697 -1.43 -9.06 8.07
N LEU A 698 -2.58 -9.55 7.57
CA LEU A 698 -3.15 -9.19 6.28
C LEU A 698 -2.29 -9.78 5.18
N VAL A 699 -2.85 -10.74 4.41
CA VAL A 699 -2.00 -11.47 3.47
C VAL A 699 -1.37 -10.54 2.43
N MET A 700 -2.16 -9.61 1.86
CA MET A 700 -1.51 -8.78 0.84
C MET A 700 -0.52 -7.81 1.47
N MET A 701 -0.65 -7.64 2.77
CA MET A 701 0.34 -6.90 3.53
C MET A 701 1.51 -7.79 3.89
N LYS A 702 1.27 -9.07 4.18
CA LYS A 702 2.42 -9.94 4.32
C LYS A 702 3.27 -10.00 3.06
N TYR A 703 2.65 -10.09 1.86
CA TYR A 703 3.50 -10.10 0.67
C TYR A 703 4.26 -8.79 0.49
N LEU A 704 3.60 -7.64 0.70
CA LEU A 704 4.34 -6.40 0.47
C LEU A 704 5.37 -6.15 1.56
N ALA A 705 4.95 -6.20 2.83
CA ALA A 705 5.88 -5.96 3.92
C ALA A 705 7.05 -6.93 3.87
N PHE A 706 6.81 -8.21 3.56
CA PHE A 706 7.92 -9.14 3.48
C PHE A 706 8.83 -8.82 2.31
N GLY A 707 8.25 -8.36 1.19
CA GLY A 707 9.08 -7.98 0.07
C GLY A 707 10.04 -6.85 0.42
N LEU A 708 9.50 -5.79 1.03
CA LEU A 708 10.35 -4.69 1.47
C LEU A 708 11.40 -5.13 2.49
N LEU A 709 11.02 -5.94 3.48
CA LEU A 709 12.00 -6.34 4.49
C LEU A 709 13.13 -7.18 3.90
N ILE A 710 12.78 -8.15 3.06
CA ILE A 710 13.81 -9.01 2.48
C ILE A 710 14.71 -8.21 1.55
N ALA A 711 14.12 -7.46 0.61
CA ALA A 711 14.94 -6.69 -0.32
C ALA A 711 15.81 -5.67 0.42
N LEU A 712 15.25 -5.00 1.43
CA LEU A 712 16.00 -4.01 2.19
C LEU A 712 17.22 -4.62 2.87
N LEU A 713 17.03 -5.78 3.53
CA LEU A 713 18.16 -6.43 4.19
C LEU A 713 19.19 -6.94 3.18
N LEU A 714 18.72 -7.45 2.04
CA LEU A 714 19.65 -7.98 1.04
C LEU A 714 20.47 -6.87 0.41
N ASP A 715 19.83 -5.73 0.12
CA ASP A 715 20.56 -4.64 -0.50
C ASP A 715 21.49 -3.99 0.50
N ALA A 716 21.04 -3.84 1.75
CA ALA A 716 21.79 -3.10 2.76
C ALA A 716 22.87 -3.94 3.39
N THR A 717 22.98 -5.22 3.02
CA THR A 717 24.01 -6.08 3.55
C THR A 717 24.82 -6.77 2.45
N ILE A 718 24.50 -6.50 1.17
CA ILE A 718 25.21 -7.12 0.07
C ILE A 718 25.62 -6.07 -0.96
N ILE A 719 24.64 -5.30 -1.44
CA ILE A 719 24.87 -4.34 -2.51
C ILE A 719 25.85 -3.27 -2.08
N ARG A 720 25.54 -2.57 -0.99
CA ARG A 720 26.32 -1.39 -0.65
C ARG A 720 27.75 -1.77 -0.28
N MET A 721 27.92 -2.90 0.40
CA MET A 721 29.22 -3.19 0.98
C MET A 721 30.10 -3.91 -0.02
N PHE A 722 29.52 -4.43 -1.11
CA PHE A 722 30.29 -5.15 -2.10
C PHE A 722 30.62 -4.16 -3.21
N LEU A 723 29.56 -3.61 -3.80
CA LEU A 723 29.65 -2.68 -4.92
C LEU A 723 30.48 -1.43 -4.67
N VAL A 724 30.27 -0.76 -3.55
CA VAL A 724 30.99 0.51 -3.31
C VAL A 724 32.51 0.36 -3.25
N PRO A 725 33.11 -0.44 -2.36
CA PRO A 725 34.58 -0.49 -2.33
C PRO A 725 35.16 -0.92 -3.66
N ALA A 726 34.49 -1.85 -4.34
CA ALA A 726 35.00 -2.38 -5.61
C ALA A 726 34.94 -1.32 -6.69
N VAL A 727 33.82 -0.60 -6.80
CA VAL A 727 33.71 0.40 -7.85
C VAL A 727 34.70 1.54 -7.61
N MET A 728 34.77 2.06 -6.37
CA MET A 728 35.73 3.13 -6.13
C MET A 728 37.15 2.68 -6.44
N LYS A 729 37.50 1.43 -6.09
CA LYS A 729 38.82 0.91 -6.42
C LYS A 729 39.04 0.89 -7.92
N LEU A 730 38.04 0.38 -8.67
CA LEU A 730 38.12 0.36 -10.12
C LEU A 730 38.33 1.75 -10.71
N LEU A 731 37.62 2.77 -10.19
CA LEU A 731 37.80 4.10 -10.76
C LEU A 731 39.18 4.65 -10.47
N GLY A 732 39.71 4.44 -9.26
CA GLY A 732 41.03 5.00 -9.02
C GLY A 732 40.98 6.52 -8.89
N ASP A 733 42.01 7.16 -9.45
CA ASP A 733 42.11 8.62 -9.47
C ASP A 733 40.98 9.28 -10.25
N ASP A 734 40.26 8.51 -11.07
CA ASP A 734 39.09 9.02 -11.79
C ASP A 734 38.02 9.52 -10.84
N CYS A 735 38.02 9.03 -9.60
CA CYS A 735 37.06 9.43 -8.58
C CYS A 735 37.00 10.93 -8.35
N TRP A 736 38.03 11.70 -8.71
CA TRP A 736 38.03 13.12 -8.38
C TRP A 736 37.78 14.03 -9.55
N TRP A 737 37.71 13.52 -10.78
CA TRP A 737 37.61 14.40 -11.93
C TRP A 737 36.27 15.15 -11.92
N ALA A 738 36.27 16.36 -12.47
CA ALA A 738 35.04 17.13 -12.62
C ALA A 738 35.23 18.26 -13.62
N PRO A 739 34.35 18.41 -14.60
CA PRO A 739 34.47 19.55 -15.54
C PRO A 739 34.55 20.88 -14.79
N ARG A 740 35.30 21.82 -15.37
CA ARG A 740 35.58 23.06 -14.63
C ARG A 740 34.33 23.93 -14.56
N TRP A 741 33.59 24.02 -15.67
CA TRP A 741 32.38 24.83 -15.69
C TRP A 741 31.32 24.27 -14.76
N MET A 742 31.35 22.96 -14.49
CA MET A 742 30.38 22.41 -13.56
C MET A 742 30.79 22.70 -12.13
N LYS A 743 32.10 22.83 -11.89
CA LYS A 743 32.53 23.13 -10.54
C LYS A 743 32.23 24.59 -10.24
N ARG A 744 32.35 25.46 -11.24
CA ARG A 744 31.98 26.84 -11.01
C ARG A 744 30.47 26.99 -10.83
N VAL A 745 29.68 26.18 -11.55
CA VAL A 745 28.23 26.21 -11.33
C VAL A 745 27.92 25.80 -9.90
N GLN A 746 28.49 24.68 -9.45
CA GLN A 746 28.36 24.25 -8.07
C GLN A 746 28.72 25.37 -7.09
N GLU A 747 29.79 26.13 -7.39
CA GLU A 747 30.20 27.18 -6.48
C GLU A 747 29.27 28.39 -6.55
N LYS A 748 28.81 28.74 -7.75
CA LYS A 748 27.92 29.88 -7.96
C LYS A 748 26.54 29.70 -7.34
N LEU A 749 26.13 28.49 -6.95
CA LEU A 749 24.84 28.35 -6.27
C LEU A 749 24.91 28.46 -4.76
N GLY A 750 26.11 28.48 -4.18
CA GLY A 750 26.24 28.52 -2.74
C GLY A 750 26.22 27.21 -2.01
N LEU A 751 26.70 26.13 -2.63
CA LEU A 751 26.66 24.82 -2.01
C LEU A 751 28.06 24.22 -2.04
N GLY A 752 28.43 23.54 -0.95
CA GLY A 752 29.75 22.98 -0.82
C GLY A 752 30.32 23.08 0.58
N GLU A 753 29.43 23.08 1.58
CA GLU A 753 29.84 23.17 2.99
C GLU A 753 30.11 21.79 3.58
N THR A 754 30.82 20.96 2.82
CA THR A 754 31.15 19.61 3.26
C THR A 754 32.19 19.62 4.37
#